data_2IAG
#
_entry.id   2IAG
#
_cell.length_a   67.733
_cell.length_b   105.596
_cell.length_c   73.950
_cell.angle_alpha   90.00
_cell.angle_beta   92.01
_cell.angle_gamma   90.00
#
_symmetry.space_group_name_H-M   'P 1 21 1'
#
loop_
_entity.id
_entity.type
_entity.pdbx_description
1 polymer 'Prostacyclin synthase'
2 non-polymer 'PROTOPORPHYRIN IX CONTAINING FE'
3 non-polymer 'SODIUM ION'
4 water water
#
_entity_poly.entity_id   1
_entity_poly.type   'polypeptide(L)'
_entity_poly.pdbx_seq_one_letter_code
;RTRRPGEPPLDLGSIPWLGYALDFGKDAASFLTRMKEKHGDIFTILVGGRYVTVLLDPHSYDAVVWEPRTRLDFHAYAIF
LMERIFDVQLPHYSPSDEKARMKLTLLHRELQALTEAMYTNLHAVLLGDATEAGSGWHEMGLLDFSYSFLLRAGYLTLYG
IEALPRTHESQAQDRVHSADVFHTFRQLDRLLPKLARGSLSVGDKDHMCSVKSRLWKLLSPARLARRAHRSKWLESYLLH
LEEMGVSEEMQARALVLQLWATQGNMGPAAFWLLLFLLKNPEALAAVRGELESILWQAEQPVSQTTTLPQKVLDSTPVLD
SVLSESLRLTAAPFITREVVVDLAMPMADGREFNLRRGDRLLLFPFLSPQRDPEIYTDPEVFKYNRFLNPDGSEKKDFYK
DGKRLKNYNMPWGAGHNHCLGRSYAVNSIKQFVFLVLVHLDLELINADVEIPEFDLSRYGFGLMQPEHDVPVRYRIRPHH
HH
;
_entity_poly.pdbx_strand_id   A,B
#
loop_
_chem_comp.id
_chem_comp.type
_chem_comp.name
_chem_comp.formula
HEM non-polymer 'PROTOPORPHYRIN IX CONTAINING FE' 'C34 H32 Fe N4 O4'
NA non-polymer 'SODIUM ION' 'Na 1'
#
# COMPACT_ATOMS: atom_id res chain seq x y z
N ARG A 1 -7.49 58.04 -11.91
CA ARG A 1 -6.50 57.24 -11.15
C ARG A 1 -5.07 57.77 -11.36
N THR A 2 -4.65 58.62 -10.43
CA THR A 2 -3.27 59.08 -10.34
C THR A 2 -2.74 58.66 -8.97
N ARG A 3 -1.45 58.31 -8.92
CA ARG A 3 -0.84 57.90 -7.66
C ARG A 3 -0.85 59.05 -6.67
N ARG A 4 -1.32 58.75 -5.46
CA ARG A 4 -1.20 59.63 -4.31
C ARG A 4 0.13 59.35 -3.62
N PRO A 5 0.62 60.32 -2.81
CA PRO A 5 1.88 60.06 -2.11
C PRO A 5 1.77 58.83 -1.22
N GLY A 6 2.77 57.97 -1.28
CA GLY A 6 2.81 56.77 -0.45
C GLY A 6 2.09 55.55 -1.04
N GLU A 7 1.41 55.73 -2.17
CA GLU A 7 0.72 54.61 -2.81
C GLU A 7 1.71 53.75 -3.57
N PRO A 8 1.38 52.45 -3.78
CA PRO A 8 2.15 51.53 -4.63
C PRO A 8 2.29 52.00 -6.08
N PRO A 9 3.30 51.45 -6.81
CA PRO A 9 3.34 51.52 -8.27
C PRO A 9 1.96 51.23 -8.85
N LEU A 10 1.53 52.07 -9.79
CA LEU A 10 0.22 51.94 -10.43
C LEU A 10 0.34 51.67 -11.91
N ASP A 11 -0.33 50.62 -12.39
CA ASP A 11 -0.20 50.14 -13.76
C ASP A 11 -1.56 49.86 -14.37
N LEU A 12 -2.05 50.79 -15.20
CA LEU A 12 -3.41 50.73 -15.74
C LEU A 12 -3.59 49.86 -16.99
N GLY A 13 -2.49 49.44 -17.60
CA GLY A 13 -2.58 48.60 -18.79
C GLY A 13 -2.90 49.35 -20.06
N SER A 14 -3.45 48.62 -21.04
CA SER A 14 -3.67 49.15 -22.38
C SER A 14 -5.14 49.39 -22.70
N ILE A 15 -6.00 48.48 -22.23
CA ILE A 15 -7.44 48.55 -22.48
C ILE A 15 -8.17 49.33 -21.38
N PRO A 16 -8.99 50.32 -21.79
CA PRO A 16 -9.75 51.16 -20.87
C PRO A 16 -10.81 50.36 -20.11
N TRP A 17 -10.92 50.63 -18.81
CA TRP A 17 -11.85 49.93 -17.89
C TRP A 17 -11.53 48.45 -17.65
N LEU A 18 -11.34 47.67 -18.72
CA LEU A 18 -11.02 46.26 -18.57
C LEU A 18 -9.63 46.03 -17.98
N GLY A 19 -8.64 46.75 -18.50
CA GLY A 19 -7.27 46.64 -18.00
C GLY A 19 -6.71 45.28 -18.31
N TYR A 20 -6.22 44.59 -17.28
CA TYR A 20 -5.63 43.25 -17.48
C TYR A 20 -6.58 42.10 -17.14
N ALA A 21 -7.89 42.36 -17.30
CA ALA A 21 -8.94 41.36 -17.07
C ALA A 21 -8.71 40.06 -17.82
N LEU A 22 -8.32 40.16 -19.08
CA LEU A 22 -8.14 38.98 -19.92
C LEU A 22 -6.92 38.16 -19.48
N ASP A 23 -5.80 38.83 -19.24
CA ASP A 23 -4.52 38.19 -18.89
C ASP A 23 -4.63 37.48 -17.55
N PHE A 24 -5.11 38.22 -16.55
CA PHE A 24 -5.41 37.70 -15.21
C PHE A 24 -6.33 36.46 -15.23
N GLY A 25 -7.46 36.55 -15.93
CA GLY A 25 -8.42 35.45 -16.02
C GLY A 25 -7.91 34.16 -16.68
N LYS A 26 -7.13 34.34 -17.75
CA LYS A 26 -6.56 33.23 -18.56
C LYS A 26 -5.48 32.42 -17.84
N ASP A 27 -4.53 33.12 -17.23
CA ASP A 27 -3.45 32.48 -16.47
C ASP A 27 -2.91 33.46 -15.47
N ALA A 28 -3.56 33.54 -14.30
CA ALA A 28 -3.18 34.55 -13.30
C ALA A 28 -1.76 34.43 -12.76
N ALA A 29 -1.25 33.20 -12.64
CA ALA A 29 0.10 32.99 -12.12
C ALA A 29 1.19 33.51 -13.09
N SER A 30 1.05 33.20 -14.37
CA SER A 30 1.98 33.73 -15.38
C SER A 30 1.92 35.24 -15.45
N PHE A 31 0.72 35.79 -15.49
CA PHE A 31 0.54 37.24 -15.59
C PHE A 31 1.18 37.93 -14.40
N LEU A 32 0.78 37.56 -13.19
CA LEU A 32 1.31 38.14 -11.97
C LEU A 32 2.81 37.98 -11.78
N THR A 33 3.38 36.91 -12.33
CA THR A 33 4.83 36.70 -12.31
C THR A 33 5.52 37.84 -13.09
N ARG A 34 5.02 38.11 -14.29
CA ARG A 34 5.53 39.19 -15.16
C ARG A 34 5.45 40.52 -14.46
N MET A 35 4.33 40.79 -13.80
CA MET A 35 4.14 42.03 -13.06
C MET A 35 5.05 42.19 -11.83
N LYS A 36 5.39 41.07 -11.17
CA LYS A 36 6.42 41.08 -10.13
C LYS A 36 7.79 41.51 -10.67
N GLU A 37 8.12 41.01 -11.85
CA GLU A 37 9.36 41.34 -12.54
C GLU A 37 9.40 42.81 -12.94
N LYS A 38 8.27 43.33 -13.42
CA LYS A 38 8.13 44.74 -13.79
C LYS A 38 8.16 45.72 -12.62
N HIS A 39 7.46 45.40 -11.54
CA HIS A 39 7.12 46.39 -10.51
C HIS A 39 7.68 46.12 -9.10
N GLY A 40 8.20 44.91 -8.89
CA GLY A 40 8.57 44.46 -7.54
C GLY A 40 7.43 43.80 -6.78
N ASP A 41 7.56 43.75 -5.46
CA ASP A 41 6.67 43.00 -4.55
C ASP A 41 5.30 43.63 -4.21
N ILE A 42 5.05 44.85 -4.69
CA ILE A 42 3.73 45.49 -4.57
C ILE A 42 3.45 46.37 -5.76
N PHE A 43 2.26 46.20 -6.32
CA PHE A 43 1.77 47.00 -7.44
C PHE A 43 0.25 47.11 -7.39
N THR A 44 -0.28 48.19 -7.98
CA THR A 44 -1.71 48.34 -8.17
C THR A 44 -2.00 48.18 -9.66
N ILE A 45 -2.91 47.27 -10.00
CA ILE A 45 -3.28 47.04 -11.40
C ILE A 45 -4.79 47.19 -11.56
N LEU A 46 -5.22 47.54 -12.77
CA LEU A 46 -6.63 47.57 -13.11
C LEU A 46 -7.02 46.30 -13.86
N VAL A 47 -8.04 45.61 -13.35
CA VAL A 47 -8.61 44.44 -14.03
C VAL A 47 -10.15 44.42 -13.89
N GLY A 48 -10.83 44.33 -15.03
CA GLY A 48 -12.29 44.39 -15.09
C GLY A 48 -12.93 45.47 -14.22
N GLY A 49 -12.45 46.71 -14.35
CA GLY A 49 -13.01 47.88 -13.66
C GLY A 49 -12.57 48.11 -12.22
N ARG A 50 -11.79 47.19 -11.66
CA ARG A 50 -11.33 47.31 -10.28
C ARG A 50 -9.83 47.61 -10.22
N TYR A 51 -9.42 48.35 -9.19
CA TYR A 51 -8.01 48.56 -8.90
C TYR A 51 -7.56 47.60 -7.81
N VAL A 52 -6.79 46.62 -8.23
CA VAL A 52 -6.33 45.53 -7.37
C VAL A 52 -4.89 45.80 -6.95
N THR A 53 -4.66 45.97 -5.65
CA THR A 53 -3.29 46.06 -5.14
C THR A 53 -2.78 44.65 -4.81
N VAL A 54 -1.80 44.19 -5.60
CA VAL A 54 -1.19 42.88 -5.40
C VAL A 54 0.00 42.96 -4.42
N LEU A 55 -0.06 42.22 -3.32
CA LEU A 55 1.06 42.11 -2.39
C LEU A 55 1.71 40.73 -2.55
N LEU A 56 3.00 40.72 -2.88
CA LEU A 56 3.76 39.50 -3.19
C LEU A 56 4.97 39.29 -2.26
N ASP A 57 5.10 40.15 -1.27
CA ASP A 57 6.17 40.01 -0.27
C ASP A 57 5.64 39.20 0.89
N PRO A 58 6.11 37.94 1.03
CA PRO A 58 5.59 37.09 2.11
C PRO A 58 5.91 37.58 3.54
N HIS A 59 6.99 38.34 3.71
CA HIS A 59 7.33 38.91 5.01
C HIS A 59 6.29 39.92 5.49
N SER A 60 5.56 40.50 4.54
CA SER A 60 4.58 41.56 4.82
C SER A 60 3.11 41.10 4.83
N TYR A 61 2.86 39.79 4.78
CA TYR A 61 1.49 39.28 4.73
C TYR A 61 0.76 39.44 6.08
N ASP A 62 1.50 39.34 7.18
CA ASP A 62 0.92 39.50 8.53
C ASP A 62 0.38 40.91 8.86
N ALA A 63 0.83 41.91 8.12
CA ALA A 63 0.37 43.28 8.34
C ALA A 63 -1.00 43.51 7.71
N VAL A 64 -1.52 42.48 7.04
CA VAL A 64 -2.68 42.59 6.17
C VAL A 64 -3.78 41.62 6.57
N VAL A 65 -3.39 40.36 6.81
CA VAL A 65 -4.35 39.28 6.98
C VAL A 65 -5.14 39.35 8.29
N TRP A 66 -4.54 39.93 9.33
CA TRP A 66 -5.17 40.00 10.65
C TRP A 66 -5.96 41.28 10.88
N GLU A 67 -5.95 42.17 9.90
CA GLU A 67 -6.69 43.42 9.95
C GLU A 67 -8.20 43.20 10.09
N PRO A 68 -8.86 44.08 10.87
CA PRO A 68 -10.31 44.04 11.12
C PRO A 68 -11.12 44.31 9.86
N ARG A 69 -12.36 43.82 9.82
CA ARG A 69 -13.26 44.02 8.69
C ARG A 69 -13.50 45.50 8.39
N THR A 70 -13.46 46.32 9.45
CA THR A 70 -13.70 47.75 9.34
C THR A 70 -12.55 48.48 8.62
N ARG A 71 -11.46 47.76 8.37
CA ARG A 71 -10.35 48.26 7.56
C ARG A 71 -10.16 47.44 6.27
N LEU A 72 -10.01 46.12 6.42
CA LEU A 72 -9.85 45.21 5.29
C LEU A 72 -10.86 44.07 5.37
N ASP A 73 -11.71 43.96 4.35
CA ASP A 73 -12.88 43.06 4.40
C ASP A 73 -12.84 41.91 3.40
N PHE A 74 -12.98 40.69 3.92
CA PHE A 74 -13.02 39.47 3.08
C PHE A 74 -14.45 39.02 2.75
N HIS A 75 -15.41 39.48 3.55
CA HIS A 75 -16.77 38.94 3.52
C HIS A 75 -17.59 39.33 2.30
N ALA A 76 -17.42 40.56 1.81
CA ALA A 76 -18.12 41.05 0.60
C ALA A 76 -17.90 40.15 -0.62
N TYR A 77 -16.66 39.73 -0.83
CA TYR A 77 -16.33 38.83 -1.95
C TYR A 77 -16.86 37.40 -1.73
N ALA A 78 -16.76 36.88 -0.51
CA ALA A 78 -17.41 35.60 -0.19
C ALA A 78 -18.91 35.68 -0.45
N ILE A 79 -19.58 36.68 0.12
CA ILE A 79 -21.00 36.92 -0.12
C ILE A 79 -21.33 36.86 -1.62
N PHE A 80 -20.57 37.60 -2.42
CA PHE A 80 -20.75 37.68 -3.87
C PHE A 80 -20.62 36.32 -4.52
N LEU A 81 -19.66 35.54 -4.04
CA LEU A 81 -19.37 34.21 -4.59
C LEU A 81 -20.45 33.20 -4.25
N MET A 82 -20.93 33.22 -3.02
CA MET A 82 -22.07 32.42 -2.58
C MET A 82 -23.26 32.57 -3.52
N GLU A 83 -23.68 33.81 -3.77
CA GLU A 83 -24.80 34.11 -4.64
C GLU A 83 -24.55 33.72 -6.11
N ARG A 84 -23.47 34.22 -6.70
CA ARG A 84 -23.22 34.03 -8.12
C ARG A 84 -22.96 32.57 -8.51
N ILE A 85 -22.25 31.83 -7.64
CA ILE A 85 -21.95 30.43 -7.93
C ILE A 85 -23.05 29.51 -7.43
N PHE A 86 -23.49 29.71 -6.19
CA PHE A 86 -24.29 28.69 -5.49
C PHE A 86 -25.73 29.09 -5.29
N ASP A 87 -26.06 30.31 -5.70
CA ASP A 87 -27.41 30.88 -5.57
C ASP A 87 -27.84 30.92 -4.11
N VAL A 88 -26.89 31.12 -3.20
CA VAL A 88 -27.26 31.32 -1.81
C VAL A 88 -27.11 32.77 -1.37
N GLN A 89 -28.19 33.24 -0.77
CA GLN A 89 -28.19 34.51 -0.09
C GLN A 89 -28.81 34.26 1.26
N LEU A 90 -28.08 34.67 2.29
CA LEU A 90 -28.46 34.47 3.68
C LEU A 90 -28.68 35.81 4.38
N PRO A 91 -29.47 35.82 5.47
CA PRO A 91 -29.52 37.01 6.31
C PRO A 91 -28.13 37.45 6.77
N HIS A 92 -27.92 38.77 6.89
CA HIS A 92 -26.65 39.30 7.38
C HIS A 92 -26.29 38.63 8.70
N TYR A 93 -25.05 38.16 8.77
CA TYR A 93 -24.55 37.44 9.94
C TYR A 93 -23.10 37.84 10.15
N SER A 94 -22.55 37.51 11.32
CA SER A 94 -21.13 37.73 11.57
C SER A 94 -20.29 36.55 11.07
N PRO A 95 -19.39 36.79 10.10
CA PRO A 95 -18.50 35.72 9.61
C PRO A 95 -17.53 35.19 10.68
N SER A 96 -17.04 36.09 11.54
CA SER A 96 -16.07 35.71 12.59
C SER A 96 -16.69 34.93 13.74
N ASP A 97 -17.98 35.18 14.00
CA ASP A 97 -18.78 34.40 14.95
C ASP A 97 -19.08 32.98 14.41
N GLU A 98 -19.47 32.90 13.14
CA GLU A 98 -19.86 31.63 12.52
C GLU A 98 -18.65 30.73 12.25
N LYS A 99 -17.52 31.32 11.88
CA LYS A 99 -16.29 30.56 11.62
C LYS A 99 -15.79 29.93 12.91
N ALA A 100 -15.88 30.71 13.99
CA ALA A 100 -15.56 30.23 15.33
C ALA A 100 -16.47 29.06 15.73
N ARG A 101 -17.77 29.23 15.50
CA ARG A 101 -18.75 28.19 15.76
C ARG A 101 -18.40 26.94 14.93
N MET A 102 -18.34 27.09 13.60
CA MET A 102 -18.04 25.95 12.72
C MET A 102 -16.73 25.25 13.09
N LYS A 103 -15.67 26.03 13.35
CA LYS A 103 -14.35 25.44 13.55
C LYS A 103 -14.30 24.50 14.75
N LEU A 104 -15.08 24.81 15.77
CA LEU A 104 -15.18 23.96 16.96
C LEU A 104 -15.76 22.57 16.66
N THR A 105 -16.75 22.52 15.76
CA THR A 105 -17.38 21.25 15.36
C THR A 105 -16.43 20.40 14.48
N LEU A 106 -15.26 20.94 14.19
CA LEU A 106 -14.28 20.32 13.32
C LEU A 106 -12.97 20.11 14.08
N LEU A 107 -13.02 20.24 15.41
CA LEU A 107 -11.83 20.11 16.25
C LEU A 107 -12.06 19.27 17.49
N HIS A 108 -10.95 18.90 18.14
CA HIS A 108 -10.97 18.21 19.44
C HIS A 108 -11.77 16.90 19.41
N ARG A 109 -12.77 16.74 20.29
CA ARG A 109 -13.52 15.48 20.39
C ARG A 109 -14.38 15.21 19.14
N GLU A 110 -14.93 16.26 18.54
CA GLU A 110 -15.71 16.08 17.31
C GLU A 110 -14.82 15.62 16.15
N LEU A 111 -13.63 16.20 16.03
CA LEU A 111 -12.67 15.79 15.02
C LEU A 111 -12.33 14.31 15.15
N GLN A 112 -12.08 13.87 16.39
CA GLN A 112 -11.82 12.45 16.70
C GLN A 112 -12.96 11.54 16.24
N ALA A 113 -14.20 11.94 16.52
CA ALA A 113 -15.39 11.25 15.97
C ALA A 113 -15.37 11.24 14.42
N LEU A 114 -15.11 12.40 13.82
CA LEU A 114 -15.03 12.52 12.36
C LEU A 114 -13.91 11.69 11.79
N THR A 115 -12.75 11.76 12.42
CA THR A 115 -11.59 11.00 11.96
C THR A 115 -11.85 9.51 11.95
N GLU A 116 -12.48 9.00 13.00
CA GLU A 116 -12.86 7.60 13.09
C GLU A 116 -13.93 7.25 12.06
N ALA A 117 -14.96 8.10 11.96
CA ALA A 117 -16.01 7.91 10.96
C ALA A 117 -15.44 7.95 9.52
N MET A 118 -14.53 8.90 9.28
CA MET A 118 -13.89 9.05 7.97
C MET A 118 -13.14 7.79 7.53
N TYR A 119 -12.40 7.17 8.44
CA TYR A 119 -11.66 5.96 8.09
C TYR A 119 -12.56 4.78 7.70
N THR A 120 -13.63 4.57 8.45
CA THR A 120 -14.59 3.50 8.10
C THR A 120 -15.35 3.80 6.79
N ASN A 121 -15.69 5.07 6.53
CA ASN A 121 -16.31 5.41 5.22
C ASN A 121 -15.36 5.27 4.02
N LEU A 122 -14.13 5.70 4.19
CA LEU A 122 -13.11 5.56 3.17
C LEU A 122 -12.92 4.08 2.85
N HIS A 123 -12.76 3.29 3.90
CA HIS A 123 -12.65 1.83 3.81
C HIS A 123 -13.86 1.21 3.14
N ALA A 124 -15.06 1.54 3.65
CA ALA A 124 -16.31 0.97 3.12
C ALA A 124 -16.52 1.30 1.65
N VAL A 125 -16.25 2.56 1.28
CA VAL A 125 -16.42 2.99 -0.11
C VAL A 125 -15.37 2.38 -1.04
N LEU A 126 -14.11 2.45 -0.63
CA LEU A 126 -12.99 2.01 -1.46
C LEU A 126 -12.97 0.48 -1.58
N LEU A 127 -12.99 -0.22 -0.45
CA LEU A 127 -13.01 -1.69 -0.50
C LEU A 127 -14.37 -2.22 -0.93
N GLY A 128 -15.44 -1.51 -0.61
CA GLY A 128 -16.77 -1.87 -1.12
C GLY A 128 -16.85 -1.82 -2.65
N ASP A 129 -16.37 -0.72 -3.25
CA ASP A 129 -16.34 -0.60 -4.72
C ASP A 129 -15.42 -1.61 -5.39
N ALA A 130 -14.28 -1.92 -4.76
CA ALA A 130 -13.34 -2.88 -5.35
C ALA A 130 -13.87 -4.30 -5.25
N THR A 131 -14.48 -4.65 -4.11
CA THR A 131 -15.05 -5.98 -3.90
C THR A 131 -16.19 -6.23 -4.90
N GLU A 132 -17.01 -5.20 -5.13
CA GLU A 132 -18.13 -5.31 -6.08
C GLU A 132 -17.67 -5.53 -7.52
N ALA A 133 -16.59 -4.85 -7.90
CA ALA A 133 -16.05 -4.97 -9.24
C ALA A 133 -15.17 -6.23 -9.40
N GLY A 134 -14.65 -6.73 -8.29
CA GLY A 134 -13.95 -8.00 -8.29
C GLY A 134 -12.45 -7.87 -8.26
N SER A 135 -11.79 -9.02 -8.23
CA SER A 135 -10.37 -9.07 -7.82
C SER A 135 -9.32 -8.64 -8.86
N GLY A 136 -9.70 -8.49 -10.13
CA GLY A 136 -8.74 -8.12 -11.18
C GLY A 136 -8.34 -6.64 -11.16
N TRP A 137 -7.44 -6.25 -12.06
CA TRP A 137 -7.13 -4.83 -12.29
C TRP A 137 -8.38 -4.06 -12.76
N HIS A 138 -8.50 -2.81 -12.32
CA HIS A 138 -9.55 -1.91 -12.81
C HIS A 138 -8.93 -0.60 -13.30
N GLU A 139 -9.40 -0.13 -14.45
CA GLU A 139 -8.81 1.05 -15.07
C GLU A 139 -9.64 2.27 -14.77
N MET A 140 -8.95 3.38 -14.58
CA MET A 140 -9.53 4.55 -13.97
C MET A 140 -8.64 5.74 -14.24
N GLY A 141 -9.22 6.95 -14.33
CA GLY A 141 -8.41 8.17 -14.25
C GLY A 141 -8.01 8.36 -12.79
N LEU A 142 -6.76 8.77 -12.54
CA LEU A 142 -6.27 8.96 -11.16
C LEU A 142 -7.04 10.04 -10.37
N LEU A 143 -7.42 11.15 -11.03
CA LEU A 143 -8.30 12.16 -10.45
C LEU A 143 -9.67 11.58 -10.10
N ASP A 144 -10.31 11.00 -11.11
CA ASP A 144 -11.60 10.33 -10.90
C ASP A 144 -11.52 9.39 -9.70
N PHE A 145 -10.43 8.62 -9.62
CA PHE A 145 -10.15 7.73 -8.49
C PHE A 145 -10.06 8.45 -7.15
N SER A 146 -9.18 9.45 -7.09
CA SER A 146 -8.90 10.14 -5.81
C SER A 146 -10.07 10.98 -5.33
N TYR A 147 -10.69 11.71 -6.25
CA TYR A 147 -11.80 12.61 -5.98
C TYR A 147 -13.09 11.83 -5.58
N SER A 148 -13.41 10.82 -6.39
CA SER A 148 -14.51 9.89 -6.07
C SER A 148 -14.50 9.38 -4.64
N PHE A 149 -13.43 8.69 -4.27
CA PHE A 149 -13.38 8.06 -2.96
C PHE A 149 -13.34 9.04 -1.80
N LEU A 150 -12.60 10.12 -1.96
CA LEU A 150 -12.51 11.09 -0.87
C LEU A 150 -13.81 11.89 -0.69
N LEU A 151 -14.37 12.40 -1.77
CA LEU A 151 -15.66 13.11 -1.67
C LEU A 151 -16.80 12.21 -1.16
N ARG A 152 -16.89 10.98 -1.67
CA ARG A 152 -17.97 10.07 -1.25
C ARG A 152 -17.88 9.69 0.23
N ALA A 153 -16.68 9.35 0.68
CA ALA A 153 -16.43 9.10 2.09
C ALA A 153 -16.62 10.37 2.93
N GLY A 154 -16.13 11.50 2.42
CA GLY A 154 -16.25 12.78 3.10
C GLY A 154 -17.71 13.19 3.28
N TYR A 155 -18.48 13.00 2.21
CA TYR A 155 -19.92 13.25 2.24
C TYR A 155 -20.66 12.36 3.27
N LEU A 156 -20.31 11.09 3.32
CA LEU A 156 -20.99 10.14 4.20
C LEU A 156 -20.64 10.42 5.65
N THR A 157 -19.43 10.92 5.87
CA THR A 157 -18.92 11.25 7.20
C THR A 157 -19.61 12.51 7.75
N LEU A 158 -19.65 13.56 6.94
CA LEU A 158 -20.31 14.79 7.34
C LEU A 158 -21.85 14.76 7.24
N TYR A 159 -22.36 14.15 6.18
CA TYR A 159 -23.82 14.19 5.95
C TYR A 159 -24.57 12.93 6.43
N GLY A 160 -23.82 11.95 6.91
CA GLY A 160 -24.45 10.77 7.50
C GLY A 160 -24.65 9.61 6.55
N ILE A 161 -25.05 8.47 7.11
CA ILE A 161 -25.13 7.22 6.36
C ILE A 161 -26.56 6.68 6.28
N GLU A 162 -26.77 5.72 5.40
CA GLU A 162 -28.07 5.10 5.22
C GLU A 162 -28.60 4.50 6.52
N ALA A 163 -27.74 3.78 7.24
CA ALA A 163 -28.15 3.14 8.49
C ALA A 163 -27.05 2.99 9.52
N LEU A 164 -27.45 3.06 10.78
CA LEU A 164 -26.55 2.78 11.89
C LEU A 164 -27.05 1.73 12.88
N PRO A 165 -27.41 0.53 12.38
CA PRO A 165 -26.85 -0.62 13.05
C PRO A 165 -25.69 -1.05 12.15
N ARG A 166 -25.71 -0.51 10.92
CA ARG A 166 -24.72 -0.71 9.83
C ARG A 166 -24.77 -2.11 9.16
N THR A 167 -25.47 -2.21 8.04
CA THR A 167 -25.67 -3.50 7.35
C THR A 167 -24.99 -3.59 5.98
N HIS A 168 -24.96 -4.80 5.41
CA HIS A 168 -24.46 -4.99 4.07
C HIS A 168 -25.27 -4.19 3.04
N GLU A 169 -26.58 -4.12 3.28
CA GLU A 169 -27.54 -3.47 2.38
C GLU A 169 -27.55 -1.94 2.49
N SER A 170 -27.32 -1.42 3.69
CA SER A 170 -27.19 0.02 3.88
C SER A 170 -25.85 0.53 3.32
N GLN A 171 -24.78 -0.22 3.56
CA GLN A 171 -23.46 0.15 3.03
C GLN A 171 -23.46 0.17 1.50
N ALA A 172 -24.14 -0.81 0.90
CA ALA A 172 -24.26 -0.89 -0.56
C ALA A 172 -25.10 0.27 -1.11
N GLN A 173 -26.15 0.64 -0.39
CA GLN A 173 -26.94 1.80 -0.77
C GLN A 173 -26.16 3.12 -0.63
N ASP A 174 -25.24 3.19 0.32
CA ASP A 174 -24.43 4.40 0.48
C ASP A 174 -23.37 4.54 -0.60
N ARG A 175 -22.90 3.42 -1.10
CA ARG A 175 -21.97 3.44 -2.21
C ARG A 175 -22.65 4.02 -3.45
N VAL A 176 -23.88 3.59 -3.70
CA VAL A 176 -24.65 4.04 -4.87
C VAL A 176 -25.12 5.50 -4.71
N HIS A 177 -25.73 5.83 -3.57
CA HIS A 177 -26.19 7.20 -3.29
C HIS A 177 -25.00 8.17 -3.34
N SER A 178 -23.92 7.81 -2.66
CA SER A 178 -22.73 8.66 -2.66
C SER A 178 -22.07 8.82 -4.05
N ALA A 179 -22.08 7.75 -4.86
CA ALA A 179 -21.63 7.88 -6.25
C ALA A 179 -22.50 8.85 -7.03
N ASP A 180 -23.81 8.82 -6.80
CA ASP A 180 -24.71 9.78 -7.45
C ASP A 180 -24.32 11.22 -7.02
N VAL A 181 -24.10 11.43 -5.73
CA VAL A 181 -23.71 12.75 -5.25
C VAL A 181 -22.39 13.21 -5.91
N PHE A 182 -21.42 12.30 -5.96
CA PHE A 182 -20.17 12.63 -6.62
C PHE A 182 -20.32 13.00 -8.11
N HIS A 183 -21.05 12.18 -8.85
CA HIS A 183 -21.12 12.40 -10.29
C HIS A 183 -21.86 13.69 -10.65
N THR A 184 -22.91 13.99 -9.89
CA THR A 184 -23.68 15.23 -10.07
C THR A 184 -22.86 16.44 -9.63
N PHE A 185 -22.30 16.40 -8.42
CA PHE A 185 -21.42 17.46 -7.90
C PHE A 185 -20.29 17.81 -8.88
N ARG A 186 -19.68 16.79 -9.49
CA ARG A 186 -18.57 17.04 -10.42
C ARG A 186 -18.94 17.85 -11.65
N GLN A 187 -20.17 17.72 -12.12
CA GLN A 187 -20.62 18.53 -13.24
C GLN A 187 -20.66 20.02 -12.90
N LEU A 188 -21.03 20.34 -11.66
CA LEU A 188 -20.99 21.72 -11.19
C LEU A 188 -19.55 22.18 -10.97
N ASP A 189 -18.74 21.32 -10.35
CA ASP A 189 -17.33 21.63 -10.02
C ASP A 189 -16.57 22.07 -11.26
N ARG A 190 -16.68 21.28 -12.33
CA ARG A 190 -15.99 21.55 -13.61
C ARG A 190 -16.23 22.96 -14.15
N LEU A 191 -17.41 23.52 -13.90
CA LEU A 191 -17.80 24.80 -14.48
C LEU A 191 -17.75 25.97 -13.51
N LEU A 192 -17.13 25.73 -12.35
CA LEU A 192 -17.10 26.73 -11.28
C LEU A 192 -16.50 28.05 -11.76
N PRO A 193 -15.30 28.01 -12.39
CA PRO A 193 -14.69 29.23 -12.91
C PRO A 193 -15.63 30.04 -13.83
N LYS A 194 -16.30 29.36 -14.76
CA LYS A 194 -17.21 30.05 -15.69
C LYS A 194 -18.43 30.60 -14.92
N LEU A 195 -18.93 29.84 -13.95
CA LEU A 195 -19.96 30.33 -13.01
C LEU A 195 -19.56 31.67 -12.41
N ALA A 196 -18.38 31.69 -11.79
CA ALA A 196 -17.87 32.87 -11.11
C ALA A 196 -17.70 34.07 -12.06
N ARG A 197 -17.30 33.81 -13.30
CA ARG A 197 -17.07 34.90 -14.26
C ARG A 197 -18.31 35.24 -15.09
N GLY A 198 -19.41 34.53 -14.87
CA GLY A 198 -20.63 34.72 -15.66
C GLY A 198 -20.45 34.54 -17.15
N SER A 199 -19.63 33.56 -17.52
CA SER A 199 -19.32 33.31 -18.93
C SER A 199 -19.96 32.04 -19.48
N LEU A 200 -20.97 31.53 -18.77
CA LEU A 200 -21.71 30.35 -19.23
C LEU A 200 -22.50 30.65 -20.51
N SER A 201 -22.48 29.69 -21.43
CA SER A 201 -23.33 29.72 -22.62
C SER A 201 -24.76 29.36 -22.21
N VAL A 202 -25.71 29.55 -23.13
CA VAL A 202 -27.11 29.22 -22.87
C VAL A 202 -27.27 27.76 -22.44
N GLY A 203 -26.62 26.84 -23.16
CA GLY A 203 -26.58 25.43 -22.79
C GLY A 203 -25.92 25.12 -21.46
N ASP A 204 -24.76 25.75 -21.19
CA ASP A 204 -24.02 25.58 -19.92
C ASP A 204 -24.94 25.97 -18.76
N LYS A 205 -25.63 27.09 -18.93
CA LYS A 205 -26.58 27.65 -17.97
C LYS A 205 -27.69 26.65 -17.67
N ASP A 206 -28.28 26.07 -18.71
CA ASP A 206 -29.31 25.07 -18.52
C ASP A 206 -28.75 23.80 -17.87
N HIS A 207 -27.54 23.38 -18.27
CA HIS A 207 -26.93 22.23 -17.62
C HIS A 207 -26.67 22.52 -16.14
N MET A 208 -26.11 23.69 -15.83
CA MET A 208 -25.85 24.06 -14.43
C MET A 208 -27.09 24.15 -13.55
N CYS A 209 -28.16 24.71 -14.12
CA CYS A 209 -29.43 24.80 -13.40
C CYS A 209 -30.04 23.44 -13.11
N SER A 210 -29.93 22.51 -14.07
CA SER A 210 -30.41 21.15 -13.84
C SER A 210 -29.56 20.40 -12.81
N VAL A 211 -28.25 20.63 -12.83
CA VAL A 211 -27.32 19.98 -11.88
C VAL A 211 -27.60 20.48 -10.45
N LYS A 212 -27.75 21.79 -10.31
CA LYS A 212 -28.12 22.42 -9.04
C LYS A 212 -29.45 21.88 -8.54
N SER A 213 -30.46 21.90 -9.41
CA SER A 213 -31.78 21.37 -9.11
C SER A 213 -31.68 19.95 -8.53
N ARG A 214 -30.83 19.10 -9.12
CA ARG A 214 -30.67 17.75 -8.58
C ARG A 214 -29.96 17.77 -7.23
N LEU A 215 -28.87 18.54 -7.14
CA LEU A 215 -28.09 18.59 -5.92
C LEU A 215 -28.90 19.16 -4.77
N TRP A 216 -29.74 20.16 -5.08
CA TRP A 216 -30.58 20.80 -4.06
C TRP A 216 -31.62 19.83 -3.52
N LYS A 217 -32.02 18.89 -4.34
CA LYS A 217 -32.98 17.87 -3.92
C LYS A 217 -32.29 16.75 -3.16
N LEU A 218 -31.10 16.33 -3.61
CA LEU A 218 -30.31 15.31 -2.90
C LEU A 218 -29.94 15.73 -1.47
N LEU A 219 -29.53 16.98 -1.32
CA LEU A 219 -29.07 17.48 -0.02
C LEU A 219 -30.13 18.37 0.67
N SER A 220 -31.40 18.06 0.43
CA SER A 220 -32.48 18.80 1.09
C SER A 220 -32.51 18.37 2.55
N PRO A 221 -32.80 19.32 3.47
CA PRO A 221 -33.00 19.01 4.88
C PRO A 221 -33.92 17.82 5.11
N ALA A 222 -34.99 17.71 4.33
CA ALA A 222 -35.88 16.53 4.38
C ALA A 222 -35.21 15.18 4.10
N ARG A 223 -34.27 15.12 3.15
CA ARG A 223 -33.60 13.86 2.83
C ARG A 223 -32.55 13.52 3.89
N LEU A 224 -31.83 14.54 4.35
CA LEU A 224 -30.76 14.42 5.34
C LEU A 224 -31.25 14.06 6.74
N ALA A 225 -32.51 14.36 7.01
CA ALA A 225 -33.10 14.16 8.33
C ALA A 225 -33.23 12.70 8.71
N ARG A 226 -33.30 11.82 7.71
CA ARG A 226 -33.41 10.37 7.94
C ARG A 226 -32.07 9.66 8.04
N ARG A 227 -30.99 10.40 7.79
CA ARG A 227 -29.67 9.78 7.73
C ARG A 227 -29.12 9.52 9.13
N ALA A 228 -28.34 8.46 9.26
CA ALA A 228 -27.78 8.09 10.56
C ALA A 228 -26.34 8.58 10.70
N HIS A 229 -25.92 8.77 11.94
CA HIS A 229 -24.55 9.21 12.28
C HIS A 229 -24.16 10.53 11.62
N ARG A 230 -25.08 11.48 11.65
CA ARG A 230 -24.80 12.78 11.10
C ARG A 230 -23.80 13.48 11.99
N SER A 231 -23.00 14.35 11.39
CA SER A 231 -21.91 14.98 12.13
C SER A 231 -22.47 16.15 12.92
N LYS A 232 -21.80 16.47 14.02
CA LYS A 232 -22.15 17.65 14.79
C LYS A 232 -21.93 18.90 13.95
N TRP A 233 -20.93 18.83 13.06
CA TRP A 233 -20.72 19.88 12.06
C TRP A 233 -22.03 20.18 11.33
N LEU A 234 -22.67 19.14 10.81
CA LEU A 234 -23.91 19.32 10.06
C LEU A 234 -25.07 19.79 10.93
N GLU A 235 -25.27 19.09 12.06
CA GLU A 235 -26.45 19.32 12.90
C GLU A 235 -26.47 20.72 13.45
N SER A 236 -25.34 21.18 13.96
CA SER A 236 -25.22 22.56 14.43
C SER A 236 -25.30 23.58 13.30
N TYR A 237 -24.84 23.22 12.10
CA TYR A 237 -25.00 24.13 10.96
C TYR A 237 -26.47 24.30 10.58
N LEU A 238 -27.21 23.20 10.51
CA LEU A 238 -28.66 23.23 10.27
C LEU A 238 -29.39 24.15 11.26
N LEU A 239 -29.12 23.95 12.56
CA LEU A 239 -29.63 24.83 13.63
C LEU A 239 -29.31 26.30 13.45
N HIS A 240 -28.08 26.60 13.06
CA HIS A 240 -27.66 27.98 12.75
C HIS A 240 -28.52 28.61 11.65
N LEU A 241 -28.81 27.82 10.61
CA LEU A 241 -29.66 28.25 9.48
C LEU A 241 -31.12 28.44 9.89
N GLU A 242 -31.67 27.47 10.62
CA GLU A 242 -33.00 27.58 11.22
C GLU A 242 -33.12 28.85 12.09
N GLU A 243 -32.09 29.14 12.90
CA GLU A 243 -32.04 30.33 13.75
C GLU A 243 -32.25 31.61 12.95
N MET A 244 -31.67 31.67 11.76
CA MET A 244 -31.80 32.85 10.91
C MET A 244 -33.14 32.86 10.14
N GLY A 245 -33.92 31.81 10.31
CA GLY A 245 -35.20 31.69 9.61
C GLY A 245 -35.07 31.33 8.15
N VAL A 246 -33.98 30.64 7.79
CA VAL A 246 -33.73 30.20 6.42
C VAL A 246 -34.65 29.03 6.11
N SER A 247 -35.41 29.12 5.02
CA SER A 247 -36.29 28.02 4.56
C SER A 247 -35.49 26.78 4.20
N GLU A 248 -36.15 25.63 4.16
CA GLU A 248 -35.49 24.34 3.89
C GLU A 248 -34.84 24.28 2.51
N GLU A 249 -35.44 24.96 1.54
CA GLU A 249 -34.96 24.98 0.15
C GLU A 249 -33.76 25.91 -0.04
N MET A 250 -33.60 26.88 0.85
CA MET A 250 -32.37 27.65 0.87
C MET A 250 -31.33 26.98 1.78
N GLN A 251 -31.78 26.25 2.80
CA GLN A 251 -30.87 25.40 3.57
C GLN A 251 -30.12 24.42 2.66
N ALA A 252 -30.85 23.81 1.73
CA ALA A 252 -30.31 22.84 0.76
C ALA A 252 -29.27 23.50 -0.14
N ARG A 253 -29.57 24.70 -0.61
CA ARG A 253 -28.62 25.52 -1.36
C ARG A 253 -27.32 25.78 -0.60
N ALA A 254 -27.45 26.09 0.70
CA ALA A 254 -26.29 26.34 1.57
C ALA A 254 -25.50 25.06 1.85
N LEU A 255 -26.20 23.93 1.92
CA LEU A 255 -25.56 22.64 2.16
C LEU A 255 -24.76 22.13 0.97
N VAL A 256 -25.18 22.54 -0.23
CA VAL A 256 -24.47 22.25 -1.46
C VAL A 256 -23.22 23.17 -1.59
N LEU A 257 -23.35 24.41 -1.17
CA LEU A 257 -22.19 25.27 -0.97
C LEU A 257 -21.16 24.66 -0.02
N GLN A 258 -21.60 24.23 1.16
CA GLN A 258 -20.78 23.51 2.12
C GLN A 258 -20.20 22.23 1.53
N LEU A 259 -20.95 21.55 0.65
CA LEU A 259 -20.41 20.34 0.01
C LEU A 259 -19.17 20.70 -0.78
N TRP A 260 -19.23 21.81 -1.52
CA TRP A 260 -18.05 22.27 -2.25
C TRP A 260 -16.92 22.69 -1.32
N ALA A 261 -17.26 23.44 -0.27
CA ALA A 261 -16.25 24.00 0.64
C ALA A 261 -15.52 22.93 1.40
N THR A 262 -16.21 21.82 1.67
CA THR A 262 -15.60 20.77 2.48
C THR A 262 -14.99 19.64 1.65
N GLN A 263 -15.42 19.50 0.40
CA GLN A 263 -15.00 18.36 -0.44
C GLN A 263 -14.26 18.74 -1.73
N GLY A 264 -14.33 20.01 -2.14
CA GLY A 264 -13.77 20.47 -3.42
C GLY A 264 -12.25 20.56 -3.53
N ASN A 265 -11.57 20.29 -2.42
CA ASN A 265 -10.10 20.33 -2.36
C ASN A 265 -9.37 19.01 -2.05
N MET A 266 -9.93 18.16 -1.18
CA MET A 266 -9.21 16.95 -0.70
C MET A 266 -8.92 16.01 -1.85
N GLY A 267 -9.93 15.74 -2.65
CA GLY A 267 -9.80 14.86 -3.82
C GLY A 267 -8.69 15.27 -4.75
N PRO A 268 -8.75 16.52 -5.30
CA PRO A 268 -7.64 17.05 -6.11
C PRO A 268 -6.28 17.07 -5.42
N ALA A 269 -6.23 17.36 -4.11
CA ALA A 269 -4.96 17.33 -3.37
C ALA A 269 -4.35 15.94 -3.41
N ALA A 270 -5.15 14.92 -3.06
CA ALA A 270 -4.68 13.54 -3.07
C ALA A 270 -4.25 13.05 -4.46
N PHE A 271 -4.93 13.54 -5.50
CA PHE A 271 -4.59 13.19 -6.89
C PHE A 271 -3.15 13.60 -7.21
N TRP A 272 -2.80 14.84 -6.87
CA TRP A 272 -1.50 15.42 -7.18
C TRP A 272 -0.43 14.69 -6.38
N LEU A 273 -0.71 14.46 -5.10
CA LEU A 273 0.19 13.75 -4.19
C LEU A 273 0.49 12.33 -4.69
N LEU A 274 -0.56 11.58 -5.02
CA LEU A 274 -0.38 10.21 -5.54
C LEU A 274 0.38 10.19 -6.88
N LEU A 275 0.05 11.12 -7.75
CA LEU A 275 0.74 11.29 -9.03
C LEU A 275 2.22 11.61 -8.83
N PHE A 276 2.53 12.54 -7.93
CA PHE A 276 3.93 12.89 -7.65
C PHE A 276 4.71 11.68 -7.10
N LEU A 277 4.07 10.87 -6.25
CA LEU A 277 4.69 9.64 -5.75
C LEU A 277 4.88 8.61 -6.87
N LEU A 278 3.87 8.46 -7.71
CA LEU A 278 3.94 7.53 -8.83
C LEU A 278 5.03 7.92 -9.83
N LYS A 279 5.31 9.21 -9.94
CA LYS A 279 6.37 9.69 -10.82
C LYS A 279 7.76 9.73 -10.18
N ASN A 280 7.84 9.55 -8.87
CA ASN A 280 9.09 9.69 -8.16
C ASN A 280 9.34 8.48 -7.27
N PRO A 281 9.89 7.40 -7.86
CA PRO A 281 10.13 6.12 -7.17
C PRO A 281 10.78 6.19 -5.78
N GLU A 282 11.78 7.05 -5.60
CA GLU A 282 12.46 7.24 -4.31
C GLU A 282 11.50 7.85 -3.27
N ALA A 283 10.66 8.78 -3.72
CA ALA A 283 9.62 9.38 -2.88
C ALA A 283 8.58 8.37 -2.44
N LEU A 284 8.08 7.55 -3.39
CA LEU A 284 7.10 6.52 -3.05
C LEU A 284 7.70 5.50 -2.07
N ALA A 285 8.93 5.05 -2.32
CA ALA A 285 9.59 4.04 -1.46
C ALA A 285 9.70 4.51 -0.02
N ALA A 286 10.05 5.78 0.16
CA ALA A 286 10.17 6.38 1.49
C ALA A 286 8.80 6.50 2.18
N VAL A 287 7.75 6.83 1.44
CA VAL A 287 6.38 6.84 2.01
C VAL A 287 5.95 5.41 2.39
N ARG A 288 6.07 4.46 1.46
CA ARG A 288 5.75 3.05 1.77
C ARG A 288 6.50 2.56 3.01
N GLY A 289 7.80 2.88 3.06
CA GLY A 289 8.69 2.41 4.11
C GLY A 289 8.22 2.88 5.46
N GLU A 290 7.86 4.16 5.54
CA GLU A 290 7.37 4.76 6.78
C GLU A 290 6.06 4.13 7.27
N LEU A 291 5.08 4.00 6.37
CA LEU A 291 3.79 3.40 6.71
C LEU A 291 3.89 1.91 7.07
N GLU A 292 4.84 1.20 6.45
CA GLU A 292 5.05 -0.23 6.66
C GLU A 292 5.65 -0.49 8.04
N SER A 293 6.68 0.28 8.43
CA SER A 293 7.27 0.17 9.77
C SER A 293 6.25 0.36 10.90
N ILE A 294 5.31 1.28 10.69
CA ILE A 294 4.21 1.48 11.62
C ILE A 294 3.24 0.29 11.63
N LEU A 295 2.88 -0.20 10.44
CA LEU A 295 1.97 -1.33 10.26
C LEU A 295 2.48 -2.60 10.96
N TRP A 296 3.80 -2.76 10.92
CA TRP A 296 4.51 -3.83 11.62
C TRP A 296 4.80 -3.46 13.08
N GLN A 297 4.56 -2.18 13.40
CA GLN A 297 4.60 -1.60 14.77
C GLN A 297 5.98 -1.49 15.39
N THR A 306 -12.52 -2.05 12.28
CA THR A 306 -11.24 -1.74 11.64
C THR A 306 -10.76 -0.33 11.99
N THR A 307 -9.81 -0.23 12.90
CA THR A 307 -9.20 1.06 13.27
C THR A 307 -7.89 1.31 12.53
N LEU A 308 -7.49 2.58 12.49
CA LEU A 308 -6.25 2.98 11.88
C LEU A 308 -5.18 3.12 12.98
N PRO A 309 -4.02 2.46 12.82
CA PRO A 309 -2.90 2.68 13.75
C PRO A 309 -2.64 4.18 13.92
N GLN A 310 -2.84 4.67 15.15
CA GLN A 310 -2.75 6.11 15.44
C GLN A 310 -1.48 6.76 14.98
N LYS A 311 -0.42 5.95 14.82
CA LYS A 311 0.88 6.44 14.37
C LYS A 311 0.85 6.96 12.93
N VAL A 312 -0.01 6.39 12.10
CA VAL A 312 -0.17 6.84 10.71
C VAL A 312 -0.58 8.29 10.72
N LEU A 313 -1.40 8.67 11.70
CA LEU A 313 -1.89 10.03 11.78
C LEU A 313 -0.85 10.98 12.38
N ASP A 314 -0.28 10.61 13.53
CA ASP A 314 0.55 11.57 14.27
C ASP A 314 2.07 11.33 14.22
N SER A 315 2.48 10.22 13.61
CA SER A 315 3.90 9.94 13.50
C SER A 315 4.30 9.54 12.08
N THR A 316 3.96 10.39 11.11
CA THR A 316 4.33 10.15 9.71
C THR A 316 5.06 11.35 9.13
N PRO A 317 6.28 11.65 9.62
CA PRO A 317 7.05 12.81 9.15
C PRO A 317 7.32 12.86 7.63
N VAL A 318 7.61 11.72 7.00
CA VAL A 318 7.86 11.67 5.55
C VAL A 318 6.57 12.02 4.82
N LEU A 319 5.48 11.36 5.19
CA LEU A 319 4.19 11.68 4.60
C LEU A 319 3.80 13.14 4.82
N ASP A 320 4.16 13.73 5.98
CA ASP A 320 3.83 15.15 6.24
C ASP A 320 4.50 16.09 5.26
N SER A 321 5.77 15.77 4.96
CA SER A 321 6.59 16.50 4.02
C SER A 321 6.08 16.30 2.59
N VAL A 322 5.68 15.07 2.25
CA VAL A 322 5.09 14.78 0.93
C VAL A 322 3.82 15.61 0.69
N LEU A 323 2.93 15.70 1.69
CA LEU A 323 1.73 16.49 1.62
C LEU A 323 2.02 18.00 1.54
N SER A 324 2.88 18.51 2.43
CA SER A 324 3.36 19.90 2.35
C SER A 324 3.89 20.24 0.95
N GLU A 325 4.67 19.34 0.35
CA GLU A 325 5.35 19.60 -0.94
C GLU A 325 4.36 19.58 -2.08
N SER A 326 3.53 18.55 -2.07
CA SER A 326 2.39 18.45 -2.98
C SER A 326 1.53 19.70 -2.99
N LEU A 327 1.21 20.23 -1.80
CA LEU A 327 0.33 21.40 -1.64
C LEU A 327 1.03 22.69 -2.01
N ARG A 328 2.33 22.72 -1.74
CA ARG A 328 3.19 23.85 -2.16
C ARG A 328 3.04 24.11 -3.66
N LEU A 329 3.00 23.01 -4.42
CA LEU A 329 3.00 23.04 -5.87
C LEU A 329 1.63 23.20 -6.55
N THR A 330 0.55 22.84 -5.85
CA THR A 330 -0.80 22.69 -6.45
C THR A 330 -1.94 23.46 -5.76
N ALA A 331 -1.71 24.01 -4.58
CA ALA A 331 -2.74 24.84 -3.92
C ALA A 331 -2.55 26.33 -4.26
N ALA A 332 -3.53 26.90 -4.95
CA ALA A 332 -3.41 28.28 -5.47
C ALA A 332 -4.63 29.17 -5.16
N PRO A 333 -5.03 29.25 -3.87
CA PRO A 333 -6.12 30.18 -3.54
C PRO A 333 -5.65 31.65 -3.52
N PHE A 334 -6.58 32.57 -3.77
CA PHE A 334 -6.38 34.00 -3.61
C PHE A 334 -6.69 34.40 -2.18
N ILE A 335 -5.85 35.25 -1.60
CA ILE A 335 -6.19 35.94 -0.36
C ILE A 335 -6.57 37.35 -0.75
N THR A 336 -7.84 37.69 -0.55
CA THR A 336 -8.43 38.84 -1.22
C THR A 336 -9.15 39.70 -0.18
N ARG A 337 -8.93 41.01 -0.24
CA ARG A 337 -9.54 41.95 0.72
C ARG A 337 -10.10 43.19 0.01
N GLU A 338 -11.27 43.64 0.44
CA GLU A 338 -11.78 44.94 0.00
C GLU A 338 -11.25 45.99 0.98
N VAL A 339 -10.63 47.02 0.42
CA VAL A 339 -10.15 48.17 1.19
C VAL A 339 -11.35 49.02 1.59
N VAL A 340 -11.72 48.95 2.86
CA VAL A 340 -12.92 49.59 3.41
C VAL A 340 -12.66 51.06 3.77
N VAL A 341 -11.45 51.37 4.25
CA VAL A 341 -11.08 52.75 4.62
C VAL A 341 -9.62 53.04 4.26
N ASP A 342 -9.35 54.28 3.88
CA ASP A 342 -8.00 54.69 3.49
C ASP A 342 -7.04 54.33 4.61
N LEU A 343 -5.98 53.60 4.27
CA LEU A 343 -5.11 53.07 5.31
C LEU A 343 -3.65 52.99 4.88
N ALA A 344 -2.78 52.80 5.87
CA ALA A 344 -1.34 52.71 5.68
C ALA A 344 -0.90 51.28 5.96
N MET A 345 -0.10 50.73 5.06
CA MET A 345 0.30 49.33 5.16
C MET A 345 1.80 49.19 5.37
N PRO A 346 2.21 48.71 6.56
CA PRO A 346 3.64 48.64 6.82
C PRO A 346 4.27 47.41 6.17
N MET A 347 5.37 47.63 5.46
CA MET A 347 6.17 46.53 4.92
C MET A 347 7.21 46.18 5.99
N ALA A 348 7.64 44.91 6.01
CA ALA A 348 8.57 44.43 7.04
C ALA A 348 9.98 45.05 6.96
N ASP A 349 10.32 45.63 5.81
CA ASP A 349 11.63 46.26 5.60
C ASP A 349 11.65 47.78 5.82
N GLY A 350 10.69 48.31 6.57
CA GLY A 350 10.63 49.75 6.83
C GLY A 350 9.64 50.59 6.03
N ARG A 351 9.47 50.28 4.75
CA ARG A 351 8.54 51.00 3.86
C ARG A 351 7.10 50.93 4.37
N GLU A 352 6.27 51.86 3.91
CA GLU A 352 4.81 51.74 4.04
C GLU A 352 4.08 52.25 2.79
N PHE A 353 2.87 51.73 2.57
CA PHE A 353 2.12 51.98 1.34
C PHE A 353 0.68 52.35 1.65
N ASN A 354 0.10 53.22 0.84
CA ASN A 354 -1.21 53.78 1.13
C ASN A 354 -2.27 53.08 0.29
N LEU A 355 -3.23 52.46 0.97
CA LEU A 355 -4.31 51.75 0.31
C LEU A 355 -5.55 52.64 0.26
N ARG A 356 -6.11 52.76 -0.94
CA ARG A 356 -7.25 53.60 -1.19
C ARG A 356 -8.59 52.86 -1.06
N ARG A 357 -9.47 53.36 -0.18
CA ARG A 357 -10.83 52.84 -0.04
C ARG A 357 -11.48 52.52 -1.40
N GLY A 358 -12.07 51.33 -1.52
CA GLY A 358 -12.68 50.91 -2.78
C GLY A 358 -11.82 50.01 -3.64
N ASP A 359 -10.52 49.96 -3.34
CA ASP A 359 -9.59 49.04 -4.02
C ASP A 359 -9.73 47.62 -3.48
N ARG A 360 -9.24 46.67 -4.26
CA ARG A 360 -9.17 45.27 -3.85
C ARG A 360 -7.72 44.87 -3.59
N LEU A 361 -7.46 44.30 -2.43
CA LEU A 361 -6.11 43.85 -2.12
C LEU A 361 -5.99 42.32 -2.35
N LEU A 362 -4.99 41.92 -3.14
CA LEU A 362 -4.76 40.50 -3.43
C LEU A 362 -3.36 40.01 -3.07
N LEU A 363 -3.32 38.94 -2.27
CA LEU A 363 -2.10 38.21 -1.95
C LEU A 363 -2.20 36.85 -2.64
N PHE A 364 -1.08 36.39 -3.19
CA PHE A 364 -1.07 35.14 -3.95
C PHE A 364 0.09 34.24 -3.49
N PRO A 365 -0.10 33.52 -2.38
CA PRO A 365 0.96 32.68 -1.77
C PRO A 365 1.58 31.68 -2.75
N PHE A 366 0.77 31.17 -3.66
CA PHE A 366 1.23 30.30 -4.74
C PHE A 366 2.49 30.80 -5.41
N LEU A 367 2.54 32.11 -5.68
CA LEU A 367 3.65 32.76 -6.33
C LEU A 367 4.77 33.04 -5.34
N SER A 368 4.43 33.64 -4.20
CA SER A 368 5.39 33.75 -3.11
C SER A 368 4.66 33.64 -1.79
N PRO A 369 5.11 32.77 -0.87
CA PRO A 369 6.37 32.01 -0.82
C PRO A 369 6.50 30.72 -1.63
N GLN A 370 5.38 30.16 -2.11
CA GLN A 370 5.36 28.75 -2.61
C GLN A 370 6.26 28.43 -3.80
N ARG A 371 6.20 29.24 -4.86
CA ARG A 371 7.05 28.99 -6.01
C ARG A 371 8.17 30.03 -6.19
N ASP A 372 8.62 30.57 -5.08
CA ASP A 372 9.66 31.60 -5.03
C ASP A 372 11.05 30.92 -4.99
N PRO A 373 11.83 31.05 -6.09
CA PRO A 373 13.11 30.36 -6.21
C PRO A 373 14.18 30.82 -5.22
N GLU A 374 13.96 31.95 -4.54
CA GLU A 374 14.86 32.44 -3.49
C GLU A 374 14.52 31.78 -2.16
N ILE A 375 13.32 31.21 -2.06
CA ILE A 375 12.91 30.50 -0.84
C ILE A 375 13.18 29.00 -0.96
N TYR A 376 12.74 28.44 -2.10
CA TYR A 376 12.81 27.03 -2.38
C TYR A 376 13.65 26.86 -3.62
N THR A 377 14.70 26.05 -3.56
CA THR A 377 15.57 25.85 -4.72
C THR A 377 14.87 24.92 -5.70
N ASP A 378 14.88 25.32 -6.98
CA ASP A 378 14.11 24.67 -8.06
C ASP A 378 12.65 24.49 -7.61
N PRO A 379 11.91 25.60 -7.46
CA PRO A 379 10.56 25.53 -6.86
C PRO A 379 9.53 24.79 -7.73
N GLU A 380 9.89 24.54 -8.97
CA GLU A 380 9.01 23.89 -9.94
C GLU A 380 9.06 22.36 -9.79
N VAL A 381 10.09 21.87 -9.09
CA VAL A 381 10.36 20.43 -8.90
C VAL A 381 9.66 19.90 -7.64
N PHE A 382 9.07 18.70 -7.73
CA PHE A 382 8.59 17.98 -6.56
C PHE A 382 9.74 17.27 -5.88
N LYS A 383 10.16 17.79 -4.73
CA LYS A 383 11.17 17.11 -3.91
C LYS A 383 10.49 16.68 -2.61
N TYR A 384 10.32 15.38 -2.45
CA TYR A 384 9.46 14.83 -1.42
C TYR A 384 9.95 15.19 0.00
N ASN A 385 11.25 15.45 0.13
CA ASN A 385 11.90 15.68 1.42
C ASN A 385 12.26 17.16 1.64
N ARG A 386 11.61 18.02 0.87
CA ARG A 386 11.81 19.44 0.95
C ARG A 386 11.46 19.99 2.34
N PHE A 387 10.53 19.35 3.03
CA PHE A 387 10.13 19.78 4.36
C PHE A 387 10.67 18.85 5.46
N LEU A 388 11.82 18.26 5.17
CA LEU A 388 12.53 17.38 6.09
C LEU A 388 13.95 17.86 6.22
N ASN A 389 14.47 17.81 7.44
CA ASN A 389 15.90 17.99 7.72
C ASN A 389 16.63 16.67 7.44
N PRO A 390 17.97 16.68 7.28
CA PRO A 390 18.72 15.43 7.02
C PRO A 390 18.46 14.27 8.00
N ASP A 391 18.10 14.58 9.24
CA ASP A 391 17.80 13.53 10.21
C ASP A 391 16.35 13.02 10.13
N GLY A 392 15.58 13.52 9.17
CA GLY A 392 14.19 13.06 9.00
C GLY A 392 13.14 13.82 9.82
N SER A 393 13.58 14.82 10.57
CA SER A 393 12.65 15.66 11.33
C SER A 393 12.08 16.75 10.43
N GLU A 394 10.90 17.27 10.80
CA GLU A 394 10.20 18.31 10.03
C GLU A 394 11.05 19.57 9.91
N LYS A 395 11.30 20.00 8.67
CA LYS A 395 12.02 21.23 8.43
C LYS A 395 11.05 22.42 8.49
N LYS A 396 11.40 23.39 9.34
CA LYS A 396 10.53 24.53 9.61
C LYS A 396 11.20 25.87 9.30
N ASP A 397 12.49 25.84 8.93
CA ASP A 397 13.29 27.06 8.74
C ASP A 397 13.55 27.44 7.27
N PHE A 398 12.86 28.50 6.81
CA PHE A 398 12.94 29.00 5.44
C PHE A 398 13.16 30.53 5.40
N TYR A 399 13.88 31.00 4.39
CA TYR A 399 14.42 32.38 4.36
C TYR A 399 14.17 33.11 3.06
N LYS A 400 14.00 34.43 3.19
CA LYS A 400 13.95 35.33 2.06
C LYS A 400 14.52 36.67 2.48
N ASP A 401 15.29 37.31 1.59
CA ASP A 401 15.83 38.66 1.87
C ASP A 401 16.50 38.72 3.26
N GLY A 402 17.25 37.67 3.58
CA GLY A 402 18.11 37.63 4.76
C GLY A 402 17.39 37.43 6.08
N LYS A 403 16.11 37.06 6.01
CA LYS A 403 15.26 36.92 7.20
C LYS A 403 14.44 35.64 7.17
N ARG A 404 14.23 35.04 8.34
CA ARG A 404 13.44 33.82 8.49
C ARG A 404 11.96 34.09 8.34
N LEU A 405 11.34 33.32 7.45
CA LEU A 405 9.94 33.46 7.10
C LEU A 405 9.03 32.84 8.13
N LYS A 406 8.06 33.61 8.59
CA LYS A 406 6.98 33.05 9.40
C LYS A 406 6.03 32.28 8.48
N ASN A 407 5.71 32.85 7.33
CA ASN A 407 4.84 32.18 6.35
C ASN A 407 5.63 31.71 5.15
N TYR A 408 5.73 30.38 5.01
CA TYR A 408 6.52 29.78 3.93
C TYR A 408 5.73 28.79 3.03
N ASN A 409 4.60 28.31 3.55
CA ASN A 409 3.68 27.46 2.78
C ASN A 409 2.27 27.71 3.27
N MET A 410 1.40 28.20 2.39
CA MET A 410 0.14 28.75 2.85
C MET A 410 -1.09 28.19 2.08
N PRO A 411 -1.20 26.86 1.97
CA PRO A 411 -2.32 26.28 1.19
C PRO A 411 -3.68 26.45 1.88
N TRP A 412 -3.66 26.71 3.18
CA TRP A 412 -4.88 26.83 3.99
C TRP A 412 -5.33 28.27 4.18
N GLY A 413 -4.82 29.21 3.39
CA GLY A 413 -5.18 30.60 3.54
C GLY A 413 -4.40 31.25 4.66
N ALA A 414 -4.92 32.36 5.19
CA ALA A 414 -4.32 33.04 6.35
C ALA A 414 -5.27 34.07 6.97
N GLY A 415 -4.89 34.56 8.16
CA GLY A 415 -5.73 35.50 8.88
C GLY A 415 -6.93 34.76 9.43
N HIS A 416 -8.08 35.41 9.38
CA HIS A 416 -9.31 34.84 9.93
C HIS A 416 -10.12 34.14 8.85
N ASN A 417 -9.61 34.22 7.62
CA ASN A 417 -10.21 33.60 6.46
C ASN A 417 -9.34 32.42 6.02
N HIS A 418 -9.21 31.44 6.91
CA HIS A 418 -8.36 30.28 6.69
C HIS A 418 -9.18 29.01 6.88
N CYS A 419 -8.63 27.89 6.41
CA CYS A 419 -9.33 26.60 6.42
C CYS A 419 -9.80 26.16 7.81
N LEU A 420 -11.11 25.96 7.92
CA LEU A 420 -11.72 25.46 9.15
C LEU A 420 -11.59 23.95 9.30
N GLY A 421 -11.37 23.24 8.19
CA GLY A 421 -11.31 21.77 8.22
C GLY A 421 -9.91 21.16 8.11
N ARG A 422 -8.89 21.98 8.32
CA ARG A 422 -7.49 21.61 8.02
C ARG A 422 -7.00 20.29 8.64
N SER A 423 -7.14 20.13 9.96
CA SER A 423 -6.74 18.90 10.61
C SER A 423 -7.49 17.68 10.07
N TYR A 424 -8.78 17.86 9.84
CA TYR A 424 -9.64 16.82 9.28
C TYR A 424 -9.21 16.47 7.85
N ALA A 425 -8.85 17.51 7.08
CA ALA A 425 -8.37 17.33 5.70
C ALA A 425 -7.05 16.58 5.62
N VAL A 426 -6.11 16.95 6.51
CA VAL A 426 -4.82 16.28 6.58
C VAL A 426 -4.98 14.82 7.00
N ASN A 427 -5.74 14.60 8.09
CA ASN A 427 -6.02 13.25 8.56
C ASN A 427 -6.66 12.37 7.46
N SER A 428 -7.64 12.93 6.75
CA SER A 428 -8.36 12.23 5.69
C SER A 428 -7.48 11.84 4.52
N ILE A 429 -6.63 12.78 4.10
CA ILE A 429 -5.71 12.52 3.00
C ILE A 429 -4.75 11.37 3.40
N LYS A 430 -4.20 11.45 4.62
CA LYS A 430 -3.30 10.41 5.13
C LYS A 430 -4.00 9.05 5.22
N GLN A 431 -5.25 9.03 5.65
CA GLN A 431 -6.02 7.77 5.74
C GLN A 431 -6.22 7.14 4.35
N PHE A 432 -6.54 7.98 3.38
CA PHE A 432 -6.71 7.55 1.99
C PHE A 432 -5.38 7.02 1.40
N VAL A 433 -4.30 7.77 1.57
CA VAL A 433 -3.01 7.35 1.08
C VAL A 433 -2.59 6.03 1.72
N PHE A 434 -2.82 5.91 3.03
CA PHE A 434 -2.54 4.67 3.73
C PHE A 434 -3.34 3.52 3.15
N LEU A 435 -4.64 3.71 3.01
CA LEU A 435 -5.47 2.68 2.42
C LEU A 435 -5.02 2.24 1.02
N VAL A 436 -4.66 3.21 0.16
CA VAL A 436 -4.20 2.93 -1.19
C VAL A 436 -2.85 2.16 -1.21
N LEU A 437 -1.85 2.66 -0.49
CA LEU A 437 -0.51 2.06 -0.52
C LEU A 437 -0.39 0.70 0.19
N VAL A 438 -1.33 0.42 1.08
CA VAL A 438 -1.32 -0.81 1.87
C VAL A 438 -2.25 -1.92 1.35
N HIS A 439 -3.43 -1.56 0.87
CA HIS A 439 -4.42 -2.53 0.37
C HIS A 439 -4.37 -2.76 -1.12
N LEU A 440 -3.84 -1.79 -1.87
CA LEU A 440 -3.94 -1.81 -3.31
C LEU A 440 -2.60 -1.91 -3.98
N ASP A 441 -2.60 -2.45 -5.19
CA ASP A 441 -1.58 -2.16 -6.19
C ASP A 441 -2.12 -0.99 -7.02
N LEU A 442 -1.29 0.02 -7.22
CA LEU A 442 -1.68 1.16 -8.04
C LEU A 442 -0.59 1.51 -9.04
N GLU A 443 -0.97 1.59 -10.32
CA GLU A 443 -0.01 1.78 -11.38
C GLU A 443 -0.47 2.77 -12.42
N LEU A 444 0.42 3.65 -12.84
CA LEU A 444 0.24 4.38 -14.09
C LEU A 444 0.11 3.38 -15.23
N ILE A 445 -0.78 3.66 -16.18
CA ILE A 445 -0.90 2.85 -17.40
C ILE A 445 0.38 2.94 -18.24
N ASN A 446 0.91 4.16 -18.36
CA ASN A 446 2.17 4.45 -19.03
C ASN A 446 3.04 5.15 -18.01
N ALA A 447 4.10 4.48 -17.58
CA ALA A 447 4.98 4.99 -16.52
C ALA A 447 5.74 6.26 -16.89
N ASP A 448 5.82 6.55 -18.19
CA ASP A 448 6.48 7.73 -18.72
C ASP A 448 5.52 8.89 -19.00
N VAL A 449 4.26 8.74 -18.59
CA VAL A 449 3.30 9.84 -18.74
C VAL A 449 3.85 11.10 -18.02
N GLU A 450 3.71 12.26 -18.65
CA GLU A 450 4.13 13.48 -17.99
C GLU A 450 2.95 14.05 -17.20
N ILE A 451 3.29 14.78 -16.15
CA ILE A 451 2.33 15.47 -15.32
C ILE A 451 1.51 16.49 -16.13
N PRO A 452 0.16 16.37 -16.12
CA PRO A 452 -0.62 17.29 -16.95
C PRO A 452 -0.52 18.72 -16.44
N GLU A 453 -0.72 19.66 -17.35
CA GLU A 453 -0.95 21.05 -17.00
C GLU A 453 -2.21 21.22 -16.14
N PHE A 454 -2.22 22.28 -15.34
CA PHE A 454 -3.43 22.71 -14.65
C PHE A 454 -4.45 23.21 -15.68
N ASP A 455 -5.72 23.19 -15.31
CA ASP A 455 -6.71 24.05 -15.95
C ASP A 455 -6.40 25.45 -15.39
N LEU A 456 -5.68 26.26 -16.16
CA LEU A 456 -5.14 27.54 -15.67
C LEU A 456 -6.20 28.58 -15.34
N SER A 457 -7.45 28.34 -15.76
CA SER A 457 -8.57 29.24 -15.46
C SER A 457 -9.00 29.15 -13.99
N ARG A 458 -8.51 28.11 -13.31
CA ARG A 458 -8.90 27.83 -11.94
C ARG A 458 -8.08 28.51 -10.87
N TYR A 459 -6.99 29.19 -11.23
CA TYR A 459 -6.21 29.93 -10.21
C TYR A 459 -7.11 30.71 -9.27
N GLY A 460 -6.81 30.63 -7.98
CA GLY A 460 -7.57 31.35 -6.97
C GLY A 460 -8.69 30.62 -6.26
N PHE A 461 -9.14 29.49 -6.80
CA PHE A 461 -10.28 28.76 -6.19
C PHE A 461 -9.88 27.81 -5.06
N GLY A 462 -8.61 27.43 -5.04
CA GLY A 462 -8.10 26.47 -4.05
C GLY A 462 -7.12 25.54 -4.73
N LEU A 463 -7.39 24.24 -4.62
CA LEU A 463 -6.54 23.22 -5.24
C LEU A 463 -6.73 23.21 -6.75
N MET A 464 -5.61 23.24 -7.46
CA MET A 464 -5.65 23.23 -8.90
C MET A 464 -6.17 21.87 -9.39
N GLN A 465 -6.73 21.85 -10.60
CA GLN A 465 -7.19 20.62 -11.22
C GLN A 465 -6.47 20.43 -12.57
N PRO A 466 -6.25 19.18 -12.99
CA PRO A 466 -5.48 18.94 -14.19
C PRO A 466 -6.35 19.14 -15.43
N GLU A 467 -5.76 19.58 -16.54
CA GLU A 467 -6.56 19.81 -17.74
C GLU A 467 -7.03 18.50 -18.38
N HIS A 468 -6.33 17.41 -18.09
CA HIS A 468 -6.83 16.08 -18.38
C HIS A 468 -6.35 15.09 -17.33
N ASP A 469 -7.10 14.01 -17.16
CA ASP A 469 -6.78 13.00 -16.15
C ASP A 469 -5.59 12.14 -16.59
N VAL A 470 -5.06 11.37 -15.63
CA VAL A 470 -3.97 10.46 -15.84
C VAL A 470 -4.50 9.03 -15.65
N PRO A 471 -4.44 8.23 -16.72
CA PRO A 471 -4.84 6.84 -16.66
C PRO A 471 -3.97 5.99 -15.72
N VAL A 472 -4.63 5.32 -14.81
CA VAL A 472 -4.00 4.40 -13.89
C VAL A 472 -4.81 3.10 -13.91
N ARG A 473 -4.26 2.04 -13.36
CA ARG A 473 -5.06 0.86 -13.04
C ARG A 473 -4.77 0.52 -11.59
N TYR A 474 -5.78 -0.03 -10.90
CA TYR A 474 -5.58 -0.51 -9.53
C TYR A 474 -6.24 -1.85 -9.29
N ARG A 475 -5.79 -2.53 -8.25
CA ARG A 475 -6.45 -3.73 -7.77
C ARG A 475 -6.23 -3.84 -6.27
N ILE A 476 -7.13 -4.54 -5.59
CA ILE A 476 -6.85 -5.08 -4.26
C ILE A 476 -5.63 -6.00 -4.40
N ARG A 477 -4.59 -5.75 -3.61
CA ARG A 477 -3.34 -6.50 -3.74
C ARG A 477 -3.60 -8.01 -3.49
N PRO A 478 -3.18 -8.89 -4.43
CA PRO A 478 -3.63 -10.30 -4.54
C PRO A 478 -3.16 -11.38 -3.52
N HIS A 479 -2.13 -11.12 -2.73
CA HIS A 479 -1.64 -12.21 -1.86
C HIS A 479 -1.53 -11.80 -0.38
N ARG B 1 6.85 -32.61 35.49
CA ARG B 1 5.83 -31.51 35.37
C ARG B 1 4.44 -32.05 35.66
N THR B 2 3.66 -31.26 36.40
CA THR B 2 2.27 -31.55 36.70
C THR B 2 1.33 -30.46 36.18
N ARG B 3 0.23 -30.88 35.58
CA ARG B 3 -0.74 -29.98 34.97
C ARG B 3 -1.45 -29.14 36.05
N ARG B 4 -1.44 -27.82 35.89
CA ARG B 4 -2.15 -26.93 36.80
C ARG B 4 -3.57 -26.72 36.28
N PRO B 5 -4.48 -26.17 37.10
CA PRO B 5 -5.82 -25.91 36.55
C PRO B 5 -5.79 -24.90 35.40
N GLY B 6 -6.57 -25.16 34.35
CA GLY B 6 -6.66 -24.26 33.21
C GLY B 6 -5.70 -24.57 32.07
N GLU B 7 -4.72 -25.45 32.32
CA GLU B 7 -3.75 -25.85 31.31
C GLU B 7 -4.30 -26.98 30.43
N PRO B 8 -3.83 -27.08 29.16
CA PRO B 8 -4.20 -28.18 28.27
C PRO B 8 -3.80 -29.53 28.86
N PRO B 9 -4.38 -30.64 28.34
CA PRO B 9 -3.93 -31.98 28.68
C PRO B 9 -2.43 -32.05 28.53
N LEU B 10 -1.78 -32.76 29.44
CA LEU B 10 -0.33 -32.84 29.48
C LEU B 10 0.10 -34.31 29.38
N ASP B 11 0.96 -34.58 28.41
CA ASP B 11 1.35 -35.93 28.05
C ASP B 11 2.88 -36.02 28.06
N LEU B 12 3.42 -36.70 29.06
CA LEU B 12 4.88 -36.76 29.24
C LEU B 12 5.56 -37.91 28.51
N GLY B 13 4.77 -38.86 28.03
CA GLY B 13 5.32 -40.06 27.41
C GLY B 13 5.85 -41.02 28.45
N SER B 14 6.85 -41.81 28.06
CA SER B 14 7.36 -42.94 28.86
C SER B 14 8.83 -42.77 29.24
N ILE B 15 9.57 -42.11 28.36
CA ILE B 15 11.01 -41.91 28.55
C ILE B 15 11.22 -40.56 29.22
N PRO B 16 11.77 -40.57 30.45
CA PRO B 16 12.28 -39.40 31.12
C PRO B 16 13.03 -38.46 30.19
N TRP B 17 12.72 -37.17 30.30
CA TRP B 17 13.37 -36.08 29.54
C TRP B 17 13.10 -36.07 28.03
N LEU B 18 13.33 -37.20 27.35
CA LEU B 18 13.12 -37.27 25.91
C LEU B 18 11.65 -37.11 25.55
N GLY B 19 10.79 -37.69 26.40
CA GLY B 19 9.37 -37.80 26.13
C GLY B 19 9.13 -38.42 24.77
N TYR B 20 8.68 -37.58 23.85
CA TYR B 20 8.26 -38.04 22.52
C TYR B 20 9.18 -37.60 21.40
N ALA B 21 10.38 -37.13 21.75
CA ALA B 21 11.39 -36.71 20.73
C ALA B 21 11.55 -37.71 19.57
N LEU B 22 11.63 -39.00 19.86
CA LEU B 22 11.80 -40.02 18.82
C LEU B 22 10.56 -40.08 17.92
N ASP B 23 9.40 -40.25 18.54
CA ASP B 23 8.10 -40.31 17.84
C ASP B 23 7.81 -39.08 16.99
N PHE B 24 8.01 -37.90 17.59
CA PHE B 24 7.88 -36.62 16.91
C PHE B 24 8.83 -36.53 15.72
N GLY B 25 10.13 -36.79 15.94
CA GLY B 25 11.14 -36.77 14.90
C GLY B 25 10.98 -37.76 13.74
N LYS B 26 10.62 -39.02 14.04
CA LYS B 26 10.34 -40.05 13.02
C LYS B 26 9.28 -39.65 11.97
N ASP B 27 8.17 -39.13 12.48
CA ASP B 27 7.01 -38.82 11.64
C ASP B 27 6.07 -37.90 12.41
N ALA B 28 6.34 -36.60 12.35
CA ALA B 28 5.55 -35.60 13.08
C ALA B 28 4.07 -35.62 12.71
N ALA B 29 3.75 -35.87 11.45
CA ALA B 29 2.35 -35.84 11.03
C ALA B 29 1.56 -36.99 11.64
N SER B 30 2.15 -38.18 11.62
CA SER B 30 1.45 -39.37 12.12
C SER B 30 1.37 -39.33 13.63
N PHE B 31 2.45 -38.89 14.26
CA PHE B 31 2.48 -38.72 15.71
C PHE B 31 1.47 -37.68 16.22
N LEU B 32 1.45 -36.50 15.63
CA LEU B 32 0.54 -35.44 16.08
C LEU B 32 -0.94 -35.78 15.80
N THR B 33 -1.18 -36.56 14.75
CA THR B 33 -2.51 -37.10 14.45
C THR B 33 -3.01 -38.02 15.57
N ARG B 34 -2.11 -38.86 16.09
CA ARG B 34 -2.42 -39.77 17.19
C ARG B 34 -2.67 -39.00 18.48
N MET B 35 -1.80 -38.04 18.73
CA MET B 35 -1.96 -37.11 19.83
C MET B 35 -3.29 -36.37 19.75
N LYS B 36 -3.67 -35.95 18.55
CA LYS B 36 -4.94 -35.27 18.35
C LYS B 36 -6.11 -36.25 18.61
N GLU B 37 -5.96 -37.49 18.14
CA GLU B 37 -6.94 -38.53 18.43
C GLU B 37 -6.99 -38.88 19.93
N LYS B 38 -5.89 -38.67 20.64
CA LYS B 38 -5.82 -38.97 22.05
C LYS B 38 -6.43 -37.85 22.90
N HIS B 39 -6.07 -36.58 22.61
CA HIS B 39 -6.39 -35.45 23.49
C HIS B 39 -7.32 -34.38 22.92
N GLY B 40 -7.55 -34.40 21.61
CA GLY B 40 -8.22 -33.29 20.91
C GLY B 40 -7.24 -32.25 20.33
N ASP B 41 -7.75 -31.05 20.09
CA ASP B 41 -7.06 -30.00 19.34
C ASP B 41 -5.99 -29.25 20.09
N ILE B 42 -5.92 -29.44 21.41
CA ILE B 42 -4.86 -28.80 22.20
C ILE B 42 -4.35 -29.67 23.33
N PHE B 43 -3.02 -29.81 23.38
CA PHE B 43 -2.35 -30.68 24.34
C PHE B 43 -0.89 -30.24 24.43
N THR B 44 -0.28 -30.55 25.57
CA THR B 44 1.12 -30.29 25.79
C THR B 44 1.92 -31.61 25.80
N ILE B 45 2.98 -31.66 25.00
CA ILE B 45 3.86 -32.81 24.97
C ILE B 45 5.28 -32.47 25.45
N LEU B 46 5.90 -33.45 26.10
CA LEU B 46 7.31 -33.37 26.45
C LEU B 46 8.08 -33.86 25.25
N VAL B 47 9.08 -33.08 24.84
CA VAL B 47 9.99 -33.47 23.76
C VAL B 47 11.38 -32.83 23.96
N GLY B 48 12.36 -33.66 24.32
CA GLY B 48 13.74 -33.20 24.52
C GLY B 48 13.91 -32.26 25.69
N GLY B 49 13.27 -32.57 26.81
CA GLY B 49 13.27 -31.70 27.97
C GLY B 49 12.41 -30.45 27.85
N ARG B 50 11.83 -30.25 26.67
CA ARG B 50 11.03 -29.07 26.37
C ARG B 50 9.55 -29.39 26.32
N TYR B 51 8.74 -28.45 26.78
CA TYR B 51 7.30 -28.62 26.73
C TYR B 51 6.69 -27.84 25.57
N VAL B 52 6.06 -28.58 24.66
CA VAL B 52 5.48 -28.01 23.46
C VAL B 52 3.96 -28.11 23.52
N THR B 53 3.28 -26.98 23.57
CA THR B 53 1.82 -26.99 23.49
C THR B 53 1.41 -26.89 22.03
N VAL B 54 0.74 -27.93 21.56
CA VAL B 54 0.32 -28.03 20.18
C VAL B 54 -1.15 -27.61 20.05
N LEU B 55 -1.42 -26.71 19.12
CA LEU B 55 -2.78 -26.21 18.80
C LEU B 55 -3.10 -26.60 17.37
N LEU B 56 -4.25 -27.22 17.20
CA LEU B 56 -4.62 -27.81 15.92
C LEU B 56 -6.00 -27.35 15.43
N ASP B 57 -6.63 -26.46 16.19
CA ASP B 57 -7.90 -25.85 15.80
C ASP B 57 -7.68 -24.64 14.88
N PRO B 58 -8.01 -24.79 13.58
CA PRO B 58 -7.74 -23.69 12.64
C PRO B 58 -8.49 -22.40 12.98
N HIS B 59 -9.69 -22.53 13.56
CA HIS B 59 -10.45 -21.38 14.09
C HIS B 59 -9.68 -20.53 15.09
N SER B 60 -8.85 -21.18 15.91
CA SER B 60 -8.10 -20.48 16.98
C SER B 60 -6.75 -19.90 16.54
N TYR B 61 -6.30 -20.25 15.33
CA TYR B 61 -4.98 -19.84 14.82
C TYR B 61 -4.82 -18.33 14.76
N ASP B 62 -5.91 -17.65 14.41
CA ASP B 62 -5.88 -16.24 14.10
C ASP B 62 -5.36 -15.37 15.25
N ALA B 63 -6.05 -15.42 16.39
CA ALA B 63 -5.69 -14.60 17.53
C ALA B 63 -4.24 -14.87 17.88
N VAL B 64 -3.94 -16.16 17.99
CA VAL B 64 -2.65 -16.68 18.42
C VAL B 64 -1.44 -16.17 17.59
N VAL B 65 -1.50 -16.24 16.26
CA VAL B 65 -0.37 -15.80 15.44
C VAL B 65 -0.10 -14.29 15.46
N TRP B 66 -1.11 -13.50 15.81
CA TRP B 66 -0.99 -12.04 15.86
C TRP B 66 -0.67 -11.49 17.24
N GLU B 67 -0.54 -12.37 18.22
CA GLU B 67 -0.11 -11.97 19.56
C GLU B 67 1.20 -11.17 19.50
N PRO B 68 1.31 -10.08 20.30
CA PRO B 68 2.57 -9.32 20.38
C PRO B 68 3.73 -10.12 20.97
N ARG B 69 4.95 -9.61 20.80
CA ARG B 69 6.19 -10.31 21.14
C ARG B 69 6.41 -10.39 22.64
N THR B 70 5.71 -9.51 23.35
CA THR B 70 5.73 -9.43 24.80
C THR B 70 4.92 -10.59 25.41
N ARG B 71 4.11 -11.25 24.58
CA ARG B 71 3.33 -12.43 24.96
C ARG B 71 3.86 -13.69 24.28
N LEU B 72 3.80 -13.73 22.95
CA LEU B 72 4.28 -14.88 22.19
C LEU B 72 5.35 -14.44 21.20
N ASP B 73 6.58 -14.92 21.42
CA ASP B 73 7.77 -14.48 20.69
C ASP B 73 8.05 -15.37 19.48
N PHE B 74 8.01 -14.77 18.30
CA PHE B 74 8.37 -15.47 17.05
C PHE B 74 9.87 -15.38 16.70
N HIS B 75 10.53 -14.33 17.19
CA HIS B 75 11.89 -14.02 16.74
C HIS B 75 13.00 -14.81 17.42
N ALA B 76 12.94 -14.92 18.75
CA ALA B 76 13.97 -15.65 19.49
C ALA B 76 14.19 -17.05 18.95
N TYR B 77 13.12 -17.72 18.48
CA TYR B 77 13.27 -19.04 17.86
C TYR B 77 14.00 -18.99 16.52
N ALA B 78 13.57 -18.10 15.62
CA ALA B 78 14.30 -17.81 14.39
C ALA B 78 15.79 -17.48 14.62
N ILE B 79 16.10 -16.67 15.62
CA ILE B 79 17.49 -16.38 16.01
C ILE B 79 18.23 -17.68 16.34
N PHE B 80 17.66 -18.44 17.27
CA PHE B 80 18.21 -19.73 17.67
C PHE B 80 18.45 -20.65 16.46
N LEU B 81 17.53 -20.64 15.51
CA LEU B 81 17.68 -21.40 14.25
C LEU B 81 18.69 -20.82 13.24
N MET B 82 18.72 -19.50 13.08
CA MET B 82 19.77 -18.88 12.23
C MET B 82 21.17 -19.26 12.73
N GLU B 83 21.35 -19.25 14.06
CA GLU B 83 22.64 -19.58 14.71
C GLU B 83 22.97 -21.06 14.60
N ARG B 84 22.07 -21.90 15.07
CA ARG B 84 22.37 -23.33 15.16
C ARG B 84 22.35 -24.03 13.81
N ILE B 85 21.58 -23.52 12.84
CA ILE B 85 21.53 -24.19 11.54
C ILE B 85 22.43 -23.58 10.47
N PHE B 86 22.55 -22.25 10.47
CA PHE B 86 23.26 -21.54 9.41
C PHE B 86 24.50 -20.79 9.92
N ASP B 87 24.69 -20.84 11.24
CA ASP B 87 25.87 -20.32 11.91
C ASP B 87 25.97 -18.82 11.76
N VAL B 88 24.83 -18.16 11.61
CA VAL B 88 24.82 -16.69 11.56
C VAL B 88 24.45 -16.09 12.92
N GLN B 89 25.19 -15.06 13.31
CA GLN B 89 24.90 -14.29 14.49
C GLN B 89 24.99 -12.83 14.09
N LEU B 90 23.88 -12.12 14.26
CA LEU B 90 23.81 -10.70 13.94
C LEU B 90 23.63 -9.89 15.23
N PRO B 91 23.99 -8.59 15.21
CA PRO B 91 23.59 -7.70 16.33
C PRO B 91 22.07 -7.57 16.45
N HIS B 92 21.60 -7.21 17.64
CA HIS B 92 20.17 -6.97 17.87
C HIS B 92 19.62 -5.99 16.84
N TYR B 93 18.45 -6.31 16.30
CA TYR B 93 17.76 -5.42 15.40
C TYR B 93 16.28 -5.59 15.66
N SER B 94 15.48 -4.63 15.19
CA SER B 94 14.05 -4.72 15.30
C SER B 94 13.56 -5.69 14.24
N PRO B 95 12.94 -6.81 14.69
CA PRO B 95 12.44 -7.87 13.83
C PRO B 95 11.37 -7.35 12.87
N SER B 96 10.58 -6.40 13.36
CA SER B 96 9.50 -5.79 12.62
C SER B 96 9.97 -4.77 11.60
N ASP B 97 10.91 -3.89 11.98
CA ASP B 97 11.49 -2.94 11.02
C ASP B 97 12.12 -3.64 9.84
N GLU B 98 12.87 -4.71 10.13
CA GLU B 98 13.51 -5.53 9.11
C GLU B 98 12.48 -6.28 8.25
N LYS B 99 11.42 -6.78 8.87
CA LYS B 99 10.34 -7.42 8.14
C LYS B 99 9.71 -6.40 7.16
N ALA B 100 9.40 -5.22 7.68
CA ALA B 100 8.89 -4.12 6.86
C ALA B 100 9.84 -3.75 5.70
N ARG B 101 11.14 -3.65 5.98
CA ARG B 101 12.14 -3.35 4.96
C ARG B 101 12.24 -4.43 3.88
N MET B 102 12.45 -5.68 4.28
CA MET B 102 12.63 -6.72 3.27
C MET B 102 11.34 -6.93 2.48
N LYS B 103 10.20 -6.83 3.15
CA LYS B 103 8.90 -6.98 2.48
C LYS B 103 8.77 -6.10 1.23
N LEU B 104 9.07 -4.81 1.37
CA LEU B 104 8.88 -3.86 0.27
C LEU B 104 9.78 -4.09 -0.95
N THR B 105 10.91 -4.75 -0.73
CA THR B 105 11.83 -5.09 -1.84
C THR B 105 11.29 -6.26 -2.67
N LEU B 106 10.13 -6.79 -2.26
CA LEU B 106 9.49 -7.96 -2.90
C LEU B 106 8.07 -7.64 -3.40
N LEU B 107 7.73 -6.36 -3.49
CA LEU B 107 6.37 -5.95 -3.87
C LEU B 107 6.43 -4.75 -4.80
N HIS B 108 5.27 -4.39 -5.35
CA HIS B 108 5.08 -3.17 -6.15
C HIS B 108 6.03 -3.09 -7.34
N ARG B 109 6.77 -2.00 -7.48
CA ARG B 109 7.66 -1.82 -8.63
C ARG B 109 8.85 -2.78 -8.55
N GLU B 110 9.33 -3.07 -7.34
CA GLU B 110 10.45 -3.99 -7.24
C GLU B 110 10.05 -5.43 -7.59
N LEU B 111 8.83 -5.82 -7.26
CA LEU B 111 8.30 -7.14 -7.67
C LEU B 111 8.23 -7.26 -9.19
N GLN B 112 7.74 -6.23 -9.87
CA GLN B 112 7.67 -6.25 -11.33
C GLN B 112 9.07 -6.41 -11.91
N ALA B 113 10.05 -5.68 -11.35
CA ALA B 113 11.46 -5.86 -11.76
C ALA B 113 11.99 -7.30 -11.58
N LEU B 114 11.70 -7.91 -10.43
CA LEU B 114 12.08 -9.31 -10.15
C LEU B 114 11.39 -10.29 -11.09
N THR B 115 10.11 -10.07 -11.33
CA THR B 115 9.30 -10.90 -12.20
C THR B 115 9.82 -10.91 -13.64
N GLU B 116 10.19 -9.74 -14.17
CA GLU B 116 10.79 -9.69 -15.50
C GLU B 116 12.16 -10.39 -15.53
N ALA B 117 12.99 -10.17 -14.50
CA ALA B 117 14.31 -10.80 -14.46
C ALA B 117 14.16 -12.31 -14.34
N MET B 118 13.14 -12.75 -13.60
CA MET B 118 12.95 -14.19 -13.41
C MET B 118 12.58 -14.88 -14.70
N TYR B 119 11.69 -14.24 -15.46
CA TYR B 119 11.24 -14.84 -16.71
C TYR B 119 12.42 -15.01 -17.65
N THR B 120 13.21 -13.95 -17.79
CA THR B 120 14.40 -14.05 -18.64
C THR B 120 15.45 -15.03 -18.10
N ASN B 121 15.66 -15.11 -16.79
CA ASN B 121 16.57 -16.13 -16.26
C ASN B 121 16.05 -17.56 -16.42
N LEU B 122 14.77 -17.80 -16.15
CA LEU B 122 14.20 -19.14 -16.32
C LEU B 122 14.37 -19.60 -17.77
N HIS B 123 14.00 -18.72 -18.70
CA HIS B 123 14.13 -18.98 -20.13
C HIS B 123 15.60 -19.22 -20.53
N ALA B 124 16.51 -18.35 -20.05
CA ALA B 124 17.95 -18.49 -20.33
C ALA B 124 18.53 -19.83 -19.86
N VAL B 125 18.23 -20.24 -18.63
CA VAL B 125 18.77 -21.47 -18.04
C VAL B 125 18.18 -22.72 -18.69
N LEU B 126 16.85 -22.78 -18.75
CA LEU B 126 16.16 -23.92 -19.34
C LEU B 126 16.53 -24.10 -20.82
N LEU B 127 16.20 -23.11 -21.63
CA LEU B 127 16.46 -23.13 -23.05
C LEU B 127 17.95 -23.24 -23.39
N GLY B 128 18.79 -22.60 -22.57
CA GLY B 128 20.25 -22.70 -22.69
C GLY B 128 20.72 -24.13 -22.48
N ASP B 129 20.38 -24.70 -21.32
CA ASP B 129 20.68 -26.11 -21.01
C ASP B 129 20.16 -27.08 -22.07
N ALA B 130 18.93 -26.88 -22.50
CA ALA B 130 18.28 -27.78 -23.45
C ALA B 130 18.95 -27.71 -24.83
N THR B 131 19.17 -26.49 -25.34
CA THR B 131 19.87 -26.28 -26.61
C THR B 131 21.26 -26.91 -26.59
N GLU B 132 22.02 -26.69 -25.51
CA GLU B 132 23.34 -27.28 -25.37
C GLU B 132 23.28 -28.80 -25.37
N ALA B 133 22.17 -29.35 -24.89
CA ALA B 133 22.01 -30.79 -24.74
C ALA B 133 21.51 -31.48 -26.02
N GLY B 134 21.13 -30.69 -27.02
CA GLY B 134 20.59 -31.22 -28.27
C GLY B 134 19.08 -31.07 -28.32
N SER B 135 18.52 -31.18 -29.51
CA SER B 135 17.07 -30.97 -29.69
C SER B 135 16.22 -32.24 -29.56
N GLY B 136 16.74 -33.28 -28.92
CA GLY B 136 15.96 -34.50 -28.69
C GLY B 136 15.49 -34.58 -27.24
N TRP B 137 14.98 -35.77 -26.86
CA TRP B 137 14.58 -36.07 -25.49
C TRP B 137 15.82 -36.18 -24.61
N HIS B 138 15.66 -35.81 -23.34
CA HIS B 138 16.69 -35.96 -22.32
C HIS B 138 16.04 -36.52 -21.06
N GLU B 139 16.69 -37.48 -20.44
CA GLU B 139 16.14 -38.18 -19.30
C GLU B 139 16.62 -37.55 -18.01
N MET B 140 15.69 -37.39 -17.06
CA MET B 140 15.93 -36.58 -15.87
C MET B 140 14.88 -36.92 -14.81
N GLY B 141 15.29 -36.98 -13.54
CA GLY B 141 14.34 -36.98 -12.44
C GLY B 141 13.58 -35.65 -12.38
N LEU B 142 12.27 -35.72 -12.11
CA LEU B 142 11.42 -34.52 -12.13
C LEU B 142 11.77 -33.51 -11.05
N LEU B 143 12.20 -34.02 -9.89
CA LEU B 143 12.63 -33.13 -8.79
C LEU B 143 13.91 -32.40 -9.15
N ASP B 144 14.90 -33.15 -9.66
CA ASP B 144 16.14 -32.62 -10.25
C ASP B 144 15.83 -31.55 -11.26
N PHE B 145 14.92 -31.87 -12.19
CA PHE B 145 14.49 -30.95 -13.22
C PHE B 145 13.92 -29.67 -12.58
N SER B 146 12.89 -29.84 -11.75
CA SER B 146 12.18 -28.69 -11.20
C SER B 146 13.06 -27.85 -10.28
N TYR B 147 13.79 -28.53 -9.43
CA TYR B 147 14.59 -27.86 -8.40
C TYR B 147 15.74 -27.12 -9.08
N SER B 148 16.37 -27.77 -10.05
CA SER B 148 17.55 -27.15 -10.67
C SER B 148 17.20 -25.89 -11.43
N PHE B 149 16.10 -25.90 -12.19
CA PHE B 149 15.80 -24.72 -13.01
C PHE B 149 15.27 -23.55 -12.21
N LEU B 150 14.37 -23.81 -11.26
CA LEU B 150 13.86 -22.74 -10.38
C LEU B 150 14.94 -22.09 -9.50
N LEU B 151 15.75 -22.90 -8.84
CA LEU B 151 16.80 -22.38 -7.97
C LEU B 151 17.86 -21.62 -8.74
N ARG B 152 18.31 -22.19 -9.85
CA ARG B 152 19.33 -21.53 -10.65
C ARG B 152 18.83 -20.18 -11.14
N ALA B 153 17.61 -20.11 -11.67
CA ALA B 153 17.04 -18.84 -12.14
C ALA B 153 16.75 -17.86 -11.02
N GLY B 154 16.35 -18.40 -9.86
CA GLY B 154 16.02 -17.57 -8.70
C GLY B 154 17.29 -16.96 -8.10
N TYR B 155 18.33 -17.78 -8.02
CA TYR B 155 19.67 -17.32 -7.64
C TYR B 155 20.15 -16.17 -8.51
N LEU B 156 20.10 -16.36 -9.83
CA LEU B 156 20.56 -15.34 -10.77
C LEU B 156 19.71 -14.08 -10.70
N THR B 157 18.42 -14.27 -10.47
CA THR B 157 17.48 -13.15 -10.37
C THR B 157 17.75 -12.27 -9.13
N LEU B 158 17.86 -12.91 -7.97
CA LEU B 158 18.12 -12.21 -6.70
C LEU B 158 19.57 -11.75 -6.54
N TYR B 159 20.53 -12.62 -6.89
CA TYR B 159 21.96 -12.35 -6.66
C TYR B 159 22.71 -11.80 -7.88
N GLY B 160 22.00 -11.69 -8.98
CA GLY B 160 22.63 -11.10 -10.16
C GLY B 160 23.25 -12.07 -11.15
N ILE B 161 23.71 -11.48 -12.26
CA ILE B 161 24.23 -12.23 -13.42
C ILE B 161 25.66 -11.82 -13.76
N GLU B 162 26.28 -12.56 -14.68
CA GLU B 162 27.66 -12.34 -15.07
C GLU B 162 27.88 -10.96 -15.69
N ALA B 163 26.96 -10.51 -16.54
CA ALA B 163 27.10 -9.24 -17.25
C ALA B 163 25.78 -8.73 -17.81
N LEU B 164 25.60 -7.41 -17.79
CA LEU B 164 24.39 -6.78 -18.32
C LEU B 164 24.63 -6.02 -19.64
N PRO B 165 25.88 -5.99 -20.12
CA PRO B 165 25.92 -6.32 -21.53
C PRO B 165 24.94 -7.49 -21.78
N ARG B 166 25.32 -8.72 -21.40
CA ARG B 166 24.53 -9.97 -21.64
C ARG B 166 24.84 -10.59 -23.02
N THR B 167 25.78 -11.53 -23.02
CA THR B 167 26.36 -12.11 -24.24
C THR B 167 26.16 -13.63 -24.20
N HIS B 168 26.60 -14.35 -25.24
CA HIS B 168 26.53 -15.81 -25.22
C HIS B 168 27.51 -16.44 -24.22
N GLU B 169 28.66 -15.80 -24.06
CA GLU B 169 29.69 -16.22 -23.10
C GLU B 169 29.28 -15.99 -21.63
N SER B 170 28.66 -14.84 -21.36
CA SER B 170 28.23 -14.52 -20.00
C SER B 170 27.06 -15.42 -19.56
N GLN B 171 26.11 -15.66 -20.48
CA GLN B 171 24.96 -16.53 -20.19
C GLN B 171 25.35 -17.98 -20.01
N ALA B 172 26.33 -18.42 -20.80
CA ALA B 172 26.91 -19.76 -20.68
C ALA B 172 27.62 -19.89 -19.32
N GLN B 173 28.29 -18.82 -18.90
CA GLN B 173 28.89 -18.77 -17.57
C GLN B 173 27.82 -18.73 -16.45
N ASP B 174 26.71 -18.01 -16.68
CA ASP B 174 25.55 -18.01 -15.75
C ASP B 174 25.05 -19.43 -15.51
N ARG B 175 25.01 -20.22 -16.57
CA ARG B 175 24.51 -21.58 -16.51
C ARG B 175 25.45 -22.54 -15.74
N VAL B 176 26.75 -22.44 -16.00
CA VAL B 176 27.78 -23.18 -15.26
C VAL B 176 27.86 -22.79 -13.76
N HIS B 177 27.99 -21.49 -13.47
CA HIS B 177 28.05 -21.01 -12.10
C HIS B 177 26.80 -21.42 -11.32
N SER B 178 25.62 -21.11 -11.84
CA SER B 178 24.38 -21.46 -11.15
C SER B 178 24.20 -22.96 -10.91
N ALA B 179 24.70 -23.80 -11.83
CA ALA B 179 24.58 -25.25 -11.65
C ALA B 179 25.50 -25.70 -10.50
N ASP B 180 26.65 -25.06 -10.40
CA ASP B 180 27.59 -25.32 -9.30
C ASP B 180 26.95 -24.96 -7.95
N VAL B 181 26.43 -23.75 -7.83
CA VAL B 181 25.62 -23.33 -6.67
C VAL B 181 24.49 -24.34 -6.34
N PHE B 182 23.70 -24.71 -7.35
CA PHE B 182 22.63 -25.67 -7.12
C PHE B 182 23.12 -27.01 -6.56
N HIS B 183 24.13 -27.59 -7.19
CA HIS B 183 24.61 -28.91 -6.76
C HIS B 183 25.15 -28.83 -5.34
N THR B 184 25.95 -27.82 -5.03
CA THR B 184 26.40 -27.62 -3.65
C THR B 184 25.22 -27.35 -2.70
N PHE B 185 24.28 -26.50 -3.13
CA PHE B 185 23.10 -26.22 -2.32
C PHE B 185 22.32 -27.50 -1.96
N ARG B 186 22.15 -28.40 -2.92
CA ARG B 186 21.38 -29.63 -2.67
C ARG B 186 22.03 -30.50 -1.61
N GLN B 187 23.35 -30.45 -1.51
CA GLN B 187 24.08 -31.19 -0.47
C GLN B 187 23.73 -30.63 0.91
N LEU B 188 23.73 -29.30 1.05
CA LEU B 188 23.32 -28.68 2.31
C LEU B 188 21.87 -29.07 2.60
N ASP B 189 21.01 -28.83 1.60
CA ASP B 189 19.56 -29.04 1.74
C ASP B 189 19.24 -30.47 2.17
N ARG B 190 19.97 -31.44 1.65
CA ARG B 190 19.75 -32.83 2.03
C ARG B 190 20.09 -33.09 3.51
N LEU B 191 21.11 -32.40 4.04
CA LEU B 191 21.64 -32.65 5.39
C LEU B 191 20.95 -31.80 6.47
N LEU B 192 20.16 -30.83 6.04
CA LEU B 192 19.60 -29.83 6.95
C LEU B 192 18.61 -30.39 8.04
N PRO B 193 17.71 -31.33 7.68
CA PRO B 193 16.91 -31.99 8.72
C PRO B 193 17.74 -32.65 9.82
N LYS B 194 18.61 -33.59 9.45
CA LYS B 194 19.49 -34.26 10.39
C LYS B 194 20.31 -33.27 11.24
N LEU B 195 20.70 -32.14 10.66
CA LEU B 195 21.45 -31.11 11.40
C LEU B 195 20.59 -30.44 12.46
N ALA B 196 19.42 -29.96 12.04
CA ALA B 196 18.46 -29.35 12.97
C ALA B 196 18.04 -30.31 14.09
N ARG B 197 17.92 -31.60 13.77
CA ARG B 197 17.49 -32.59 14.74
C ARG B 197 18.65 -32.99 15.65
N GLY B 198 19.88 -32.70 15.23
CA GLY B 198 21.09 -33.03 15.96
C GLY B 198 21.50 -34.49 15.85
N SER B 199 21.26 -35.10 14.69
CA SER B 199 21.45 -36.55 14.55
C SER B 199 22.50 -37.00 13.53
N LEU B 200 23.35 -36.06 13.10
CA LEU B 200 24.39 -36.40 12.13
C LEU B 200 25.61 -37.02 12.77
N SER B 201 26.18 -38.01 12.09
CA SER B 201 27.47 -38.56 12.44
C SER B 201 28.51 -37.44 12.40
N VAL B 202 29.62 -37.65 13.07
CA VAL B 202 30.73 -36.71 13.06
C VAL B 202 31.17 -36.47 11.58
N GLY B 203 31.34 -37.55 10.82
CA GLY B 203 31.68 -37.46 9.40
C GLY B 203 30.72 -36.60 8.58
N ASP B 204 29.42 -36.83 8.74
CA ASP B 204 28.38 -36.06 8.05
C ASP B 204 28.34 -34.59 8.48
N LYS B 205 28.64 -34.34 9.75
CA LYS B 205 28.76 -32.98 10.27
C LYS B 205 29.91 -32.26 9.63
N ASP B 206 31.01 -32.97 9.42
CA ASP B 206 32.15 -32.41 8.72
C ASP B 206 31.82 -32.20 7.23
N HIS B 207 31.03 -33.09 6.64
CA HIS B 207 30.57 -32.89 5.26
C HIS B 207 29.70 -31.63 5.18
N MET B 208 28.84 -31.42 6.17
CA MET B 208 27.99 -30.25 6.20
C MET B 208 28.80 -28.94 6.32
N CYS B 209 29.83 -28.94 7.16
CA CYS B 209 30.73 -27.78 7.25
C CYS B 209 31.36 -27.44 5.92
N SER B 210 31.80 -28.46 5.17
CA SER B 210 32.46 -28.26 3.86
C SER B 210 31.53 -27.62 2.85
N VAL B 211 30.29 -28.09 2.84
CA VAL B 211 29.25 -27.62 1.95
C VAL B 211 28.95 -26.16 2.26
N LYS B 212 28.80 -25.85 3.55
CA LYS B 212 28.51 -24.49 4.00
C LYS B 212 29.65 -23.55 3.64
N SER B 213 30.88 -24.00 3.91
CA SER B 213 32.08 -23.25 3.60
C SER B 213 32.19 -22.94 2.11
N ARG B 214 31.90 -23.91 1.26
CA ARG B 214 31.93 -23.68 -0.20
C ARG B 214 30.92 -22.61 -0.60
N LEU B 215 29.69 -22.73 -0.09
CA LEU B 215 28.63 -21.77 -0.36
C LEU B 215 28.95 -20.36 0.15
N TRP B 216 29.61 -20.28 1.31
CA TRP B 216 29.98 -18.98 1.88
C TRP B 216 31.06 -18.31 1.04
N LYS B 217 31.92 -19.11 0.40
CA LYS B 217 32.89 -18.61 -0.58
C LYS B 217 32.20 -18.15 -1.86
N LEU B 218 31.31 -18.99 -2.39
CA LEU B 218 30.60 -18.66 -3.62
C LEU B 218 29.72 -17.38 -3.51
N LEU B 219 29.10 -17.16 -2.35
CA LEU B 219 28.18 -16.05 -2.13
C LEU B 219 28.76 -14.95 -1.23
N SER B 220 30.08 -14.86 -1.19
CA SER B 220 30.72 -13.78 -0.43
C SER B 220 30.36 -12.43 -1.05
N PRO B 221 30.30 -11.36 -0.22
CA PRO B 221 30.04 -10.03 -0.76
C PRO B 221 31.01 -9.64 -1.89
N ALA B 222 32.30 -9.93 -1.71
CA ALA B 222 33.33 -9.63 -2.71
C ALA B 222 32.95 -10.22 -4.07
N ARG B 223 32.48 -11.47 -4.06
CA ARG B 223 32.08 -12.21 -5.25
C ARG B 223 30.83 -11.63 -5.89
N LEU B 224 29.85 -11.28 -5.07
CA LEU B 224 28.58 -10.70 -5.54
C LEU B 224 28.74 -9.26 -6.06
N ALA B 225 29.76 -8.56 -5.58
CA ALA B 225 30.02 -7.15 -5.94
C ALA B 225 30.17 -6.92 -7.45
N ARG B 226 30.82 -7.86 -8.14
CA ARG B 226 31.06 -7.75 -9.59
C ARG B 226 29.89 -8.18 -10.46
N ARG B 227 28.82 -8.68 -9.84
CA ARG B 227 27.70 -9.22 -10.60
C ARG B 227 26.79 -8.10 -11.05
N ALA B 228 26.17 -8.28 -12.22
CA ALA B 228 25.28 -7.28 -12.77
C ALA B 228 23.83 -7.60 -12.47
N HIS B 229 23.02 -6.54 -12.41
CA HIS B 229 21.58 -6.67 -12.32
C HIS B 229 21.16 -7.37 -11.02
N ARG B 230 21.86 -7.05 -9.95
CA ARG B 230 21.48 -7.46 -8.60
C ARG B 230 20.10 -6.92 -8.27
N SER B 231 19.27 -7.74 -7.64
CA SER B 231 17.95 -7.28 -7.18
C SER B 231 18.06 -6.16 -6.14
N LYS B 232 17.00 -5.37 -6.01
CA LYS B 232 16.90 -4.42 -4.88
C LYS B 232 16.92 -5.20 -3.56
N TRP B 233 16.26 -6.36 -3.55
CA TRP B 233 16.30 -7.28 -2.40
C TRP B 233 17.71 -7.49 -1.85
N LEU B 234 18.64 -7.85 -2.73
CA LEU B 234 20.01 -8.11 -2.32
C LEU B 234 20.75 -6.85 -1.86
N GLU B 235 20.62 -5.78 -2.64
CA GLU B 235 21.31 -4.52 -2.37
C GLU B 235 20.91 -3.90 -1.04
N SER B 236 19.61 -3.87 -0.76
CA SER B 236 19.14 -3.31 0.49
C SER B 236 19.46 -4.21 1.68
N TYR B 237 19.48 -5.52 1.45
CA TYR B 237 19.84 -6.45 2.52
C TYR B 237 21.32 -6.31 2.89
N LEU B 238 22.19 -6.29 1.88
CA LEU B 238 23.60 -5.90 2.03
C LEU B 238 23.80 -4.58 2.81
N LEU B 239 23.08 -3.54 2.38
CA LEU B 239 23.11 -2.24 3.03
C LEU B 239 22.68 -2.36 4.49
N HIS B 240 21.59 -3.06 4.73
CA HIS B 240 21.14 -3.33 6.09
C HIS B 240 22.19 -4.05 6.97
N LEU B 241 22.92 -5.01 6.40
CA LEU B 241 23.94 -5.75 7.16
C LEU B 241 25.17 -4.90 7.46
N GLU B 242 25.67 -4.18 6.46
CA GLU B 242 26.86 -3.33 6.65
C GLU B 242 26.60 -2.14 7.59
N GLU B 243 25.34 -1.70 7.67
CA GLU B 243 24.92 -0.68 8.64
C GLU B 243 24.95 -1.17 10.09
N MET B 244 24.78 -2.49 10.26
CA MET B 244 24.91 -3.14 11.57
C MET B 244 26.38 -3.46 11.93
N GLY B 245 27.29 -3.26 10.99
CA GLY B 245 28.70 -3.59 11.21
C GLY B 245 29.02 -5.07 11.07
N VAL B 246 28.18 -5.78 10.30
CA VAL B 246 28.39 -7.20 10.04
C VAL B 246 29.61 -7.40 9.14
N SER B 247 30.56 -8.21 9.62
CA SER B 247 31.77 -8.54 8.84
C SER B 247 31.36 -9.19 7.53
N GLU B 248 32.24 -9.12 6.53
CA GLU B 248 31.92 -9.73 5.24
C GLU B 248 31.92 -11.26 5.35
N GLU B 249 32.58 -11.79 6.37
CA GLU B 249 32.55 -13.22 6.67
C GLU B 249 31.15 -13.65 7.11
N MET B 250 30.60 -12.88 8.04
CA MET B 250 29.28 -13.15 8.56
C MET B 250 28.22 -12.84 7.52
N GLN B 251 28.42 -11.77 6.75
CA GLN B 251 27.52 -11.41 5.67
C GLN B 251 27.34 -12.61 4.71
N ALA B 252 28.46 -13.24 4.35
CA ALA B 252 28.46 -14.43 3.47
C ALA B 252 27.52 -15.50 4.02
N ARG B 253 27.60 -15.75 5.33
CA ARG B 253 26.75 -16.72 6.01
C ARG B 253 25.27 -16.27 6.00
N ALA B 254 25.02 -15.00 6.23
CA ALA B 254 23.65 -14.46 6.16
C ALA B 254 23.07 -14.59 4.74
N LEU B 255 23.93 -14.48 3.73
CA LEU B 255 23.52 -14.58 2.32
C LEU B 255 23.20 -16.01 1.89
N VAL B 256 23.86 -16.98 2.53
CA VAL B 256 23.60 -18.38 2.28
C VAL B 256 22.34 -18.86 3.01
N LEU B 257 22.11 -18.33 4.21
CA LEU B 257 20.83 -18.52 4.89
C LEU B 257 19.70 -17.99 4.01
N GLN B 258 19.85 -16.78 3.51
CA GLN B 258 18.85 -16.21 2.60
C GLN B 258 18.65 -17.08 1.35
N LEU B 259 19.72 -17.70 0.86
CA LEU B 259 19.62 -18.56 -0.31
C LEU B 259 18.68 -19.74 -0.01
N TRP B 260 18.83 -20.31 1.18
CA TRP B 260 17.94 -21.38 1.60
C TRP B 260 16.51 -20.87 1.85
N ALA B 261 16.40 -19.72 2.51
CA ALA B 261 15.12 -19.14 2.91
C ALA B 261 14.27 -18.78 1.70
N THR B 262 14.95 -18.55 0.60
CA THR B 262 14.40 -17.98 -0.59
C THR B 262 14.30 -19.01 -1.75
N GLN B 263 15.15 -20.04 -1.72
CA GLN B 263 15.17 -21.05 -2.79
C GLN B 263 14.83 -22.48 -2.37
N GLY B 264 14.68 -22.71 -1.05
CA GLY B 264 14.41 -24.05 -0.56
C GLY B 264 13.03 -24.67 -0.78
N ASN B 265 12.08 -23.88 -1.29
CA ASN B 265 10.70 -24.29 -1.42
C ASN B 265 10.09 -24.25 -2.84
N MET B 266 10.56 -23.33 -3.68
CA MET B 266 10.00 -23.18 -5.03
C MET B 266 10.16 -24.45 -5.84
N GLY B 267 11.38 -24.99 -5.84
CA GLY B 267 11.70 -26.16 -6.66
C GLY B 267 10.91 -27.40 -6.29
N PRO B 268 10.93 -27.80 -4.99
CA PRO B 268 10.04 -28.85 -4.47
C PRO B 268 8.55 -28.60 -4.74
N ALA B 269 8.11 -27.35 -4.62
CA ALA B 269 6.71 -27.01 -4.84
C ALA B 269 6.29 -27.31 -6.28
N ALA B 270 7.08 -26.82 -7.22
CA ALA B 270 6.86 -27.09 -8.64
C ALA B 270 6.92 -28.58 -9.02
N PHE B 271 7.78 -29.35 -8.33
CA PHE B 271 7.89 -30.81 -8.53
C PHE B 271 6.55 -31.49 -8.29
N TRP B 272 5.94 -31.20 -7.15
CA TRP B 272 4.66 -31.83 -6.81
C TRP B 272 3.57 -31.40 -7.78
N LEU B 273 3.53 -30.09 -8.07
CA LEU B 273 2.55 -29.54 -9.00
C LEU B 273 2.64 -30.26 -10.37
N LEU B 274 3.85 -30.30 -10.93
CA LEU B 274 4.07 -30.91 -12.24
C LEU B 274 3.74 -32.40 -12.21
N LEU B 275 4.11 -33.07 -11.13
CA LEU B 275 3.83 -34.50 -10.94
C LEU B 275 2.32 -34.78 -10.86
N PHE B 276 1.62 -33.95 -10.07
CA PHE B 276 0.18 -34.04 -9.94
C PHE B 276 -0.53 -33.84 -11.28
N LEU B 277 -0.03 -32.89 -12.09
CA LEU B 277 -0.57 -32.65 -13.43
C LEU B 277 -0.29 -33.82 -14.39
N LEU B 278 0.92 -34.37 -14.30
CA LEU B 278 1.33 -35.49 -15.15
C LEU B 278 0.48 -36.74 -14.87
N LYS B 279 0.17 -36.96 -13.59
CA LYS B 279 -0.66 -38.08 -13.14
C LYS B 279 -2.17 -37.88 -13.25
N ASN B 280 -2.62 -36.69 -13.66
CA ASN B 280 -4.07 -36.39 -13.78
C ASN B 280 -4.44 -35.70 -15.08
N PRO B 281 -4.73 -36.47 -16.15
CA PRO B 281 -4.94 -35.90 -17.48
C PRO B 281 -5.89 -34.70 -17.54
N GLU B 282 -7.06 -34.80 -16.93
CA GLU B 282 -8.05 -33.73 -17.01
C GLU B 282 -7.53 -32.42 -16.42
N ALA B 283 -6.67 -32.54 -15.40
CA ALA B 283 -6.04 -31.41 -14.75
C ALA B 283 -5.02 -30.76 -15.68
N LEU B 284 -4.08 -31.54 -16.19
CA LEU B 284 -3.07 -31.05 -17.14
C LEU B 284 -3.74 -30.39 -18.34
N ALA B 285 -4.79 -31.00 -18.87
CA ALA B 285 -5.52 -30.45 -20.03
C ALA B 285 -6.18 -29.10 -19.74
N ALA B 286 -6.77 -28.98 -18.56
CA ALA B 286 -7.35 -27.71 -18.09
C ALA B 286 -6.29 -26.60 -17.98
N VAL B 287 -5.13 -26.93 -17.41
CA VAL B 287 -4.02 -25.98 -17.35
C VAL B 287 -3.54 -25.64 -18.77
N ARG B 288 -3.29 -26.67 -19.59
CA ARG B 288 -2.84 -26.47 -20.97
C ARG B 288 -3.83 -25.61 -21.76
N GLY B 289 -5.11 -25.86 -21.52
CA GLY B 289 -6.17 -25.11 -22.16
C GLY B 289 -6.19 -23.65 -21.78
N GLU B 290 -5.97 -23.34 -20.51
CA GLU B 290 -5.91 -21.95 -20.06
C GLU B 290 -4.66 -21.22 -20.53
N LEU B 291 -3.50 -21.87 -20.48
CA LEU B 291 -2.26 -21.24 -20.91
C LEU B 291 -2.30 -20.85 -22.39
N GLU B 292 -2.92 -21.69 -23.20
CA GLU B 292 -3.02 -21.39 -24.62
C GLU B 292 -4.07 -20.33 -24.95
N SER B 293 -5.22 -20.40 -24.29
CA SER B 293 -6.25 -19.35 -24.38
C SER B 293 -5.69 -17.93 -24.21
N ILE B 294 -4.72 -17.78 -23.33
CA ILE B 294 -4.09 -16.49 -23.06
C ILE B 294 -3.06 -16.11 -24.13
N LEU B 295 -2.37 -17.11 -24.66
CA LEU B 295 -1.31 -16.92 -25.65
C LEU B 295 -1.77 -16.08 -26.85
N TRP B 296 -2.95 -16.39 -27.38
CA TRP B 296 -3.53 -15.61 -28.48
C TRP B 296 -4.78 -14.87 -28.04
N PRO B 309 4.51 -11.60 -20.51
CA PRO B 309 3.10 -11.90 -20.82
C PRO B 309 2.18 -11.80 -19.59
N GLN B 310 1.97 -10.57 -19.11
CA GLN B 310 1.25 -10.24 -17.85
C GLN B 310 0.08 -11.14 -17.45
N LYS B 311 -0.69 -11.59 -18.44
CA LYS B 311 -1.87 -12.44 -18.23
C LYS B 311 -1.54 -13.80 -17.62
N VAL B 312 -0.31 -14.28 -17.85
CA VAL B 312 0.19 -15.50 -17.21
C VAL B 312 0.26 -15.33 -15.69
N LEU B 313 0.47 -14.09 -15.25
CA LEU B 313 0.52 -13.81 -13.82
C LEU B 313 -0.88 -13.64 -13.24
N ASP B 314 -1.75 -12.88 -13.93
CA ASP B 314 -3.01 -12.49 -13.29
C ASP B 314 -4.30 -12.84 -14.02
N SER B 315 -4.23 -13.79 -14.94
CA SER B 315 -5.42 -14.36 -15.56
C SER B 315 -5.22 -15.86 -15.79
N THR B 316 -4.72 -16.55 -14.76
CA THR B 316 -4.63 -18.01 -14.84
C THR B 316 -5.25 -18.62 -13.59
N PRO B 317 -6.58 -18.47 -13.42
CA PRO B 317 -7.25 -18.96 -12.20
C PRO B 317 -7.12 -20.47 -12.02
N VAL B 318 -7.10 -21.22 -13.13
CA VAL B 318 -7.02 -22.68 -13.05
C VAL B 318 -5.65 -23.07 -12.49
N LEU B 319 -4.60 -22.46 -13.00
CA LEU B 319 -3.25 -22.69 -12.50
C LEU B 319 -3.07 -22.24 -11.05
N ASP B 320 -3.74 -21.14 -10.67
CA ASP B 320 -3.79 -20.66 -9.29
C ASP B 320 -4.36 -21.74 -8.36
N SER B 321 -5.50 -22.32 -8.74
CA SER B 321 -6.08 -23.39 -7.94
C SER B 321 -5.17 -24.65 -7.91
N VAL B 322 -4.57 -24.98 -9.05
CA VAL B 322 -3.61 -26.07 -9.12
C VAL B 322 -2.45 -25.88 -8.12
N LEU B 323 -1.94 -24.65 -8.03
CA LEU B 323 -0.84 -24.37 -7.12
C LEU B 323 -1.29 -24.42 -5.66
N SER B 324 -2.43 -23.80 -5.34
CA SER B 324 -2.97 -23.84 -3.99
C SER B 324 -3.24 -25.30 -3.59
N GLU B 325 -3.65 -26.12 -4.55
CA GLU B 325 -3.93 -27.53 -4.29
C GLU B 325 -2.67 -28.38 -4.08
N SER B 326 -1.60 -28.10 -4.82
CA SER B 326 -0.32 -28.79 -4.57
C SER B 326 0.26 -28.40 -3.22
N LEU B 327 0.23 -27.10 -2.90
CA LEU B 327 0.70 -26.60 -1.61
C LEU B 327 -0.07 -27.20 -0.43
N ARG B 328 -1.39 -27.36 -0.59
CA ARG B 328 -2.22 -27.88 0.48
C ARG B 328 -1.77 -29.27 0.87
N LEU B 329 -1.49 -30.08 -0.13
CA LEU B 329 -1.01 -31.45 0.07
C LEU B 329 0.44 -31.54 0.54
N THR B 330 1.29 -30.55 0.19
CA THR B 330 2.75 -30.73 0.31
C THR B 330 3.55 -29.73 1.15
N ALA B 331 2.91 -28.63 1.55
CA ALA B 331 3.59 -27.68 2.40
C ALA B 331 3.34 -28.01 3.85
N ALA B 332 4.42 -28.27 4.59
CA ALA B 332 4.31 -28.68 6.00
C ALA B 332 5.23 -27.94 6.97
N PRO B 333 5.20 -26.59 6.98
CA PRO B 333 5.99 -25.87 8.00
C PRO B 333 5.34 -25.88 9.40
N PHE B 334 6.16 -25.77 10.44
CA PHE B 334 5.68 -25.53 11.78
C PHE B 334 5.48 -24.02 11.95
N ILE B 335 4.38 -23.62 12.57
CA ILE B 335 4.24 -22.24 13.01
C ILE B 335 4.45 -22.31 14.50
N THR B 336 5.50 -21.61 14.97
CA THR B 336 6.01 -21.79 16.32
C THR B 336 6.21 -20.46 17.05
N ARG B 337 5.88 -20.45 18.34
CA ARG B 337 6.06 -19.29 19.19
C ARG B 337 6.65 -19.73 20.51
N GLU B 338 7.50 -18.88 21.08
CA GLU B 338 7.97 -19.05 22.45
C GLU B 338 7.01 -18.28 23.35
N VAL B 339 6.58 -18.90 24.45
CA VAL B 339 5.74 -18.21 25.43
C VAL B 339 6.62 -17.36 26.35
N VAL B 340 6.43 -16.04 26.30
CA VAL B 340 7.28 -15.08 26.98
C VAL B 340 7.00 -15.01 28.48
N VAL B 341 5.72 -15.12 28.83
CA VAL B 341 5.27 -14.99 30.21
C VAL B 341 4.08 -15.93 30.41
N ASP B 342 3.87 -16.40 31.64
CA ASP B 342 2.64 -17.11 32.01
C ASP B 342 1.43 -16.33 31.48
N LEU B 343 0.58 -16.98 30.69
CA LEU B 343 -0.54 -16.30 30.05
C LEU B 343 -1.67 -17.26 29.68
N ALA B 344 -2.85 -16.68 29.46
CA ALA B 344 -4.03 -17.39 28.98
C ALA B 344 -4.17 -17.17 27.48
N MET B 345 -4.32 -18.27 26.76
CA MET B 345 -4.41 -18.31 25.30
C MET B 345 -5.88 -18.59 24.98
N PRO B 346 -6.57 -17.62 24.35
CA PRO B 346 -7.99 -17.80 24.03
C PRO B 346 -8.19 -18.76 22.87
N MET B 347 -9.28 -19.53 22.93
CA MET B 347 -9.74 -20.39 21.85
C MET B 347 -10.98 -19.72 21.21
N ALA B 348 -11.21 -19.99 19.93
CA ALA B 348 -12.30 -19.35 19.17
C ALA B 348 -13.67 -19.62 19.75
N ASP B 349 -13.85 -20.81 20.30
CA ASP B 349 -15.11 -21.25 20.90
C ASP B 349 -15.35 -20.70 22.32
N GLY B 350 -14.40 -19.91 22.85
CA GLY B 350 -14.59 -19.25 24.14
C GLY B 350 -13.73 -19.75 25.29
N ARG B 351 -13.17 -20.95 25.17
CA ARG B 351 -12.23 -21.49 26.17
C ARG B 351 -10.94 -20.65 26.20
N GLU B 352 -10.25 -20.62 27.34
CA GLU B 352 -8.89 -20.10 27.43
C GLU B 352 -8.02 -21.18 28.07
N PHE B 353 -6.77 -21.28 27.62
CA PHE B 353 -5.82 -22.22 28.20
C PHE B 353 -4.57 -21.51 28.68
N ASN B 354 -4.10 -21.92 29.86
CA ASN B 354 -2.92 -21.35 30.47
C ASN B 354 -1.64 -21.99 29.96
N LEU B 355 -0.76 -21.13 29.48
CA LEU B 355 0.56 -21.55 28.99
C LEU B 355 1.64 -20.94 29.92
N ARG B 356 2.72 -21.67 30.16
CA ARG B 356 3.75 -21.16 31.08
C ARG B 356 4.90 -20.50 30.34
N ARG B 357 5.53 -19.51 30.97
CA ARG B 357 6.81 -18.96 30.52
C ARG B 357 7.76 -20.09 30.15
N GLY B 358 8.32 -20.02 28.95
CA GLY B 358 9.36 -20.97 28.55
C GLY B 358 8.81 -22.12 27.74
N ASP B 359 7.49 -22.28 27.73
CA ASP B 359 6.84 -23.28 26.88
C ASP B 359 6.97 -22.89 25.41
N ARG B 360 7.01 -23.89 24.53
CA ARG B 360 6.88 -23.66 23.09
C ARG B 360 5.43 -23.88 22.66
N LEU B 361 4.93 -23.03 21.77
CA LEU B 361 3.63 -23.23 21.17
C LEU B 361 3.81 -23.53 19.68
N LEU B 362 3.19 -24.61 19.21
CA LEU B 362 3.33 -25.10 17.84
C LEU B 362 1.97 -25.27 17.14
N LEU B 363 1.86 -24.75 15.92
CA LEU B 363 0.70 -24.96 15.04
C LEU B 363 1.14 -25.83 13.91
N PHE B 364 0.31 -26.78 13.48
CA PHE B 364 0.63 -27.60 12.31
C PHE B 364 -0.46 -27.58 11.21
N PRO B 365 -0.55 -26.47 10.44
CA PRO B 365 -1.56 -26.31 9.37
C PRO B 365 -1.69 -27.50 8.42
N PHE B 366 -0.58 -28.19 8.16
CA PHE B 366 -0.57 -29.36 7.31
C PHE B 366 -1.69 -30.33 7.73
N LEU B 367 -1.70 -30.62 9.04
CA LEU B 367 -2.69 -31.49 9.67
C LEU B 367 -4.08 -30.89 9.65
N SER B 368 -4.19 -29.68 10.17
CA SER B 368 -5.42 -28.92 10.08
C SER B 368 -5.07 -27.46 9.96
N PRO B 369 -5.65 -26.76 8.96
CA PRO B 369 -6.75 -27.10 8.06
C PRO B 369 -6.46 -27.92 6.80
N GLN B 370 -5.20 -28.03 6.40
CA GLN B 370 -4.86 -28.53 5.06
C GLN B 370 -5.33 -29.96 4.73
N ARG B 371 -5.13 -30.89 5.66
CA ARG B 371 -5.62 -32.27 5.46
C ARG B 371 -6.75 -32.64 6.43
N ASP B 372 -7.53 -31.64 6.85
CA ASP B 372 -8.67 -31.82 7.74
C ASP B 372 -9.87 -32.28 6.90
N PRO B 373 -10.35 -33.51 7.15
CA PRO B 373 -11.40 -34.10 6.30
C PRO B 373 -12.78 -33.50 6.58
N GLU B 374 -12.90 -32.76 7.67
CA GLU B 374 -14.09 -31.96 7.93
C GLU B 374 -14.07 -30.71 7.06
N ILE B 375 -12.88 -30.24 6.68
CA ILE B 375 -12.77 -29.03 5.88
C ILE B 375 -12.82 -29.35 4.39
N TYR B 376 -11.92 -30.23 3.98
CA TYR B 376 -11.78 -30.66 2.62
C TYR B 376 -12.33 -32.08 2.47
N THR B 377 -13.15 -32.28 1.44
CA THR B 377 -13.71 -33.59 1.08
C THR B 377 -12.67 -34.44 0.35
N ASP B 378 -12.33 -35.60 0.93
CA ASP B 378 -11.25 -36.50 0.49
C ASP B 378 -9.89 -35.76 0.44
N PRO B 379 -9.41 -35.27 1.60
CA PRO B 379 -8.19 -34.44 1.64
C PRO B 379 -6.89 -35.04 1.10
N GLU B 380 -6.84 -36.37 0.95
CA GLU B 380 -5.67 -37.05 0.39
C GLU B 380 -5.61 -36.96 -1.13
N VAL B 381 -6.70 -36.52 -1.74
CA VAL B 381 -6.84 -36.52 -3.19
C VAL B 381 -6.39 -35.18 -3.78
N PHE B 382 -5.62 -35.22 -4.86
CA PHE B 382 -5.38 -34.04 -5.67
C PHE B 382 -6.59 -33.74 -6.57
N LYS B 383 -7.28 -32.64 -6.25
CA LYS B 383 -8.39 -32.20 -7.08
C LYS B 383 -7.98 -30.85 -7.61
N TYR B 384 -7.67 -30.77 -8.91
CA TYR B 384 -7.03 -29.58 -9.46
C TYR B 384 -7.88 -28.32 -9.27
N ASN B 385 -9.20 -28.53 -9.20
CA ASN B 385 -10.21 -27.45 -9.13
C ASN B 385 -10.80 -27.24 -7.73
N ARG B 386 -10.09 -27.71 -6.72
CA ARG B 386 -10.55 -27.63 -5.34
C ARG B 386 -10.71 -26.18 -4.86
N PHE B 387 -9.94 -25.27 -5.46
CA PHE B 387 -10.03 -23.86 -5.11
C PHE B 387 -10.67 -23.04 -6.24
N LEU B 388 -11.47 -23.70 -7.05
CA LEU B 388 -12.28 -23.00 -8.05
C LEU B 388 -13.77 -23.14 -7.75
N ASN B 389 -14.50 -22.02 -7.86
CA ASN B 389 -15.94 -22.08 -7.89
C ASN B 389 -16.44 -22.63 -9.23
N PRO B 390 -17.67 -23.17 -9.27
CA PRO B 390 -18.16 -23.76 -10.53
C PRO B 390 -18.08 -22.81 -11.76
N ASP B 391 -18.14 -21.50 -11.55
CA ASP B 391 -18.04 -20.53 -12.66
C ASP B 391 -16.58 -20.20 -13.04
N GLY B 392 -15.62 -20.77 -12.31
CA GLY B 392 -14.21 -20.64 -12.65
C GLY B 392 -13.43 -19.64 -11.82
N SER B 393 -14.14 -18.81 -11.05
CA SER B 393 -13.54 -17.86 -10.10
C SER B 393 -12.89 -18.57 -8.91
N GLU B 394 -12.07 -17.84 -8.16
CA GLU B 394 -11.35 -18.43 -7.03
C GLU B 394 -12.27 -18.76 -5.87
N LYS B 395 -12.25 -20.02 -5.44
CA LYS B 395 -12.99 -20.42 -4.25
C LYS B 395 -12.25 -20.03 -2.97
N LYS B 396 -12.94 -19.26 -2.13
CA LYS B 396 -12.35 -18.71 -0.92
C LYS B 396 -13.08 -19.13 0.34
N ASP B 397 -14.10 -19.97 0.20
CA ASP B 397 -15.05 -20.22 1.29
C ASP B 397 -14.95 -21.64 1.80
N PHE B 398 -14.25 -21.81 2.93
CA PHE B 398 -14.12 -23.14 3.55
C PHE B 398 -14.58 -23.12 4.99
N TYR B 399 -15.07 -24.26 5.47
CA TYR B 399 -15.77 -24.32 6.75
C TYR B 399 -15.36 -25.49 7.63
N LYS B 400 -15.33 -25.25 8.93
CA LYS B 400 -15.33 -26.31 9.92
C LYS B 400 -16.40 -25.94 10.95
N ASP B 401 -17.20 -26.92 11.33
CA ASP B 401 -18.28 -26.75 12.29
C ASP B 401 -19.30 -25.71 11.84
N GLY B 402 -19.59 -25.66 10.54
CA GLY B 402 -20.49 -24.64 10.00
C GLY B 402 -19.99 -23.21 10.07
N LYS B 403 -18.76 -23.02 10.55
CA LYS B 403 -18.18 -21.68 10.64
C LYS B 403 -17.14 -21.49 9.54
N ARG B 404 -17.16 -20.31 8.92
CA ARG B 404 -16.25 -20.00 7.82
C ARG B 404 -14.83 -19.80 8.36
N LEU B 405 -13.86 -20.42 7.71
CA LEU B 405 -12.46 -20.29 8.12
C LEU B 405 -11.75 -19.10 7.49
N LYS B 406 -11.21 -18.21 8.33
CA LYS B 406 -10.29 -17.19 7.85
C LYS B 406 -9.02 -17.83 7.29
N ASN B 407 -8.49 -18.80 8.00
CA ASN B 407 -7.29 -19.55 7.57
C ASN B 407 -7.68 -20.96 7.14
N TYR B 408 -7.51 -21.29 5.87
CA TYR B 408 -7.88 -22.64 5.39
C TYR B 408 -6.80 -23.36 4.63
N ASN B 409 -5.79 -22.62 4.17
CA ASN B 409 -4.65 -23.17 3.46
C ASN B 409 -3.47 -22.28 3.81
N MET B 410 -2.49 -22.80 4.52
CA MET B 410 -1.47 -21.96 5.13
C MET B 410 -0.01 -22.32 4.79
N PRO B 411 0.29 -22.57 3.49
CA PRO B 411 1.67 -22.88 3.08
C PRO B 411 2.68 -21.75 3.31
N TRP B 412 2.19 -20.51 3.40
CA TRP B 412 3.03 -19.32 3.53
C TRP B 412 3.21 -18.84 4.99
N GLY B 413 2.72 -19.62 5.94
CA GLY B 413 2.72 -19.20 7.34
C GLY B 413 1.55 -18.28 7.66
N ALA B 414 1.66 -17.56 8.78
CA ALA B 414 0.57 -16.70 9.26
C ALA B 414 1.09 -15.76 10.32
N GLY B 415 0.48 -14.58 10.37
CA GLY B 415 0.79 -13.61 11.41
C GLY B 415 2.07 -12.86 11.06
N HIS B 416 2.81 -12.48 12.09
CA HIS B 416 3.99 -11.63 11.89
C HIS B 416 5.16 -12.31 11.16
N ASN B 417 5.09 -13.63 11.03
CA ASN B 417 6.14 -14.45 10.42
C ASN B 417 5.87 -14.93 8.99
N HIS B 418 4.79 -14.45 8.38
CA HIS B 418 4.35 -15.00 7.11
C HIS B 418 5.40 -14.76 6.02
N CYS B 419 5.31 -15.53 4.94
CA CYS B 419 6.25 -15.44 3.82
C CYS B 419 6.23 -14.05 3.18
N LEU B 420 7.39 -13.43 3.06
CA LEU B 420 7.54 -12.08 2.44
C LEU B 420 7.67 -12.21 0.91
N GLY B 421 8.05 -13.40 0.45
CA GLY B 421 8.28 -13.63 -0.97
C GLY B 421 7.14 -14.28 -1.73
N ARG B 422 5.97 -14.33 -1.10
CA ARG B 422 4.81 -15.09 -1.63
C ARG B 422 4.40 -14.69 -3.07
N SER B 423 4.25 -13.39 -3.30
CA SER B 423 3.91 -12.87 -4.63
C SER B 423 4.93 -13.27 -5.68
N TYR B 424 6.20 -13.06 -5.35
CA TYR B 424 7.30 -13.46 -6.22
C TYR B 424 7.41 -15.00 -6.43
N ALA B 425 7.18 -15.76 -5.38
CA ALA B 425 7.21 -17.23 -5.44
C ALA B 425 6.12 -17.74 -6.35
N VAL B 426 4.91 -17.21 -6.18
CA VAL B 426 3.78 -17.57 -7.02
C VAL B 426 4.03 -17.21 -8.49
N ASN B 427 4.45 -15.97 -8.75
CA ASN B 427 4.80 -15.53 -10.10
C ASN B 427 5.80 -16.48 -10.76
N SER B 428 6.89 -16.76 -10.04
CA SER B 428 7.99 -17.62 -10.53
C SER B 428 7.61 -19.05 -10.88
N ILE B 429 6.76 -19.65 -10.04
CA ILE B 429 6.34 -21.02 -10.24
C ILE B 429 5.45 -21.09 -11.49
N LYS B 430 4.58 -20.09 -11.64
CA LYS B 430 3.69 -20.07 -12.78
C LYS B 430 4.43 -19.80 -14.08
N GLN B 431 5.50 -19.01 -13.99
CA GLN B 431 6.30 -18.69 -15.15
C GLN B 431 7.04 -19.93 -15.55
N PHE B 432 7.56 -20.65 -14.57
CA PHE B 432 8.19 -21.93 -14.80
C PHE B 432 7.25 -22.95 -15.46
N VAL B 433 6.04 -23.12 -14.92
CA VAL B 433 5.06 -24.07 -15.45
C VAL B 433 4.72 -23.70 -16.91
N PHE B 434 4.56 -22.40 -17.16
CA PHE B 434 4.27 -21.89 -18.49
C PHE B 434 5.37 -22.29 -19.50
N LEU B 435 6.63 -22.01 -19.15
CA LEU B 435 7.76 -22.41 -20.00
C LEU B 435 7.79 -23.90 -20.29
N VAL B 436 7.57 -24.72 -19.27
CA VAL B 436 7.60 -26.17 -19.47
C VAL B 436 6.43 -26.68 -20.31
N LEU B 437 5.23 -26.15 -20.05
CA LEU B 437 4.02 -26.64 -20.74
C LEU B 437 3.89 -26.15 -22.19
N VAL B 438 4.43 -24.97 -22.47
CA VAL B 438 4.26 -24.30 -23.73
C VAL B 438 5.48 -24.44 -24.63
N HIS B 439 6.67 -24.28 -24.08
CA HIS B 439 7.94 -24.34 -24.83
C HIS B 439 8.53 -25.73 -24.93
N LEU B 440 8.16 -26.62 -24.01
CA LEU B 440 8.69 -27.98 -24.01
C LEU B 440 7.62 -29.06 -24.12
N ASP B 441 8.04 -30.29 -24.40
CA ASP B 441 7.24 -31.47 -24.13
C ASP B 441 7.82 -32.07 -22.87
N LEU B 442 6.97 -32.38 -21.90
CA LEU B 442 7.40 -33.04 -20.67
C LEU B 442 6.46 -34.21 -20.44
N GLU B 443 7.02 -35.38 -20.16
CA GLU B 443 6.19 -36.54 -19.82
C GLU B 443 6.89 -37.53 -18.92
N LEU B 444 6.10 -38.32 -18.20
CA LEU B 444 6.59 -39.45 -17.42
C LEU B 444 7.20 -40.53 -18.32
N ILE B 445 8.35 -41.06 -17.91
CA ILE B 445 8.91 -42.27 -18.52
C ILE B 445 7.85 -43.39 -18.43
N ASN B 446 7.31 -43.59 -17.22
CA ASN B 446 6.24 -44.54 -16.95
C ASN B 446 4.99 -43.83 -16.43
N ALA B 447 3.87 -43.99 -17.14
CA ALA B 447 2.62 -43.32 -16.80
C ALA B 447 1.94 -43.91 -15.56
N ASP B 448 2.29 -45.15 -15.24
CA ASP B 448 1.72 -45.85 -14.09
C ASP B 448 2.52 -45.68 -12.80
N VAL B 449 3.60 -44.90 -12.89
CA VAL B 449 4.49 -44.66 -11.75
C VAL B 449 3.69 -44.16 -10.54
N GLU B 450 3.97 -44.70 -9.37
CA GLU B 450 3.29 -44.24 -8.15
C GLU B 450 3.88 -42.94 -7.64
N ILE B 451 3.03 -42.11 -7.02
CA ILE B 451 3.49 -40.90 -6.37
C ILE B 451 4.35 -41.28 -5.17
N PRO B 452 5.63 -40.84 -5.16
CA PRO B 452 6.53 -41.25 -4.08
C PRO B 452 6.05 -40.76 -2.73
N GLU B 453 6.44 -41.46 -1.67
CA GLU B 453 6.15 -41.02 -0.30
C GLU B 453 7.05 -39.84 0.07
N PHE B 454 6.66 -39.09 1.09
CA PHE B 454 7.47 -38.04 1.68
C PHE B 454 8.72 -38.60 2.38
N ASP B 455 9.82 -37.84 2.25
CA ASP B 455 10.94 -37.95 3.17
C ASP B 455 10.48 -37.38 4.52
N LEU B 456 10.12 -38.29 5.43
CA LEU B 456 9.43 -37.94 6.66
C LEU B 456 10.20 -36.99 7.58
N SER B 457 11.52 -36.94 7.42
CA SER B 457 12.38 -36.11 8.26
C SER B 457 12.19 -34.59 7.99
N ARG B 458 11.43 -34.27 6.94
CA ARG B 458 11.27 -32.89 6.51
C ARG B 458 10.09 -32.12 7.09
N TYR B 459 9.27 -32.77 7.93
CA TYR B 459 8.10 -32.09 8.51
C TYR B 459 8.52 -30.88 9.31
N GLY B 460 7.89 -29.74 9.03
CA GLY B 460 8.21 -28.48 9.72
C GLY B 460 9.20 -27.55 9.04
N PHE B 461 9.79 -27.99 7.94
CA PHE B 461 10.70 -27.12 7.18
C PHE B 461 10.07 -26.36 6.00
N GLY B 462 8.87 -26.74 5.61
CA GLY B 462 8.22 -26.06 4.51
C GLY B 462 7.71 -27.13 3.59
N LEU B 463 8.11 -27.04 2.33
CA LEU B 463 7.74 -28.00 1.31
C LEU B 463 8.36 -29.36 1.56
N MET B 464 7.54 -30.39 1.47
CA MET B 464 8.00 -31.76 1.62
C MET B 464 8.75 -32.14 0.34
N GLN B 465 9.69 -33.07 0.48
CA GLN B 465 10.43 -33.62 -0.65
C GLN B 465 10.17 -35.14 -0.76
N PRO B 466 10.24 -35.71 -1.98
CA PRO B 466 9.87 -37.14 -2.12
C PRO B 466 11.02 -38.07 -1.66
N GLU B 467 10.70 -39.26 -1.17
CA GLU B 467 11.75 -40.18 -0.73
C GLU B 467 12.65 -40.65 -1.87
N HIS B 468 12.13 -40.57 -3.10
CA HIS B 468 12.92 -40.78 -4.29
C HIS B 468 12.31 -39.97 -5.42
N ASP B 469 13.08 -39.83 -6.49
CA ASP B 469 12.67 -39.02 -7.62
C ASP B 469 11.81 -39.84 -8.58
N VAL B 470 11.19 -39.13 -9.51
CA VAL B 470 10.33 -39.69 -10.53
C VAL B 470 10.99 -39.41 -11.88
N PRO B 471 11.33 -40.46 -12.64
CA PRO B 471 11.89 -40.26 -13.98
C PRO B 471 10.95 -39.60 -14.99
N VAL B 472 11.48 -38.59 -15.68
CA VAL B 472 10.76 -37.94 -16.76
C VAL B 472 11.64 -37.81 -17.99
N ARG B 473 11.02 -37.33 -19.06
CA ARG B 473 11.62 -37.14 -20.35
C ARG B 473 11.19 -35.73 -20.77
N TYR B 474 12.11 -34.91 -21.25
CA TYR B 474 11.72 -33.61 -21.79
C TYR B 474 12.52 -33.22 -23.03
N ARG B 475 11.93 -32.37 -23.87
CA ARG B 475 12.60 -31.81 -25.04
C ARG B 475 12.04 -30.44 -25.38
N ILE B 476 12.84 -29.61 -26.03
CA ILE B 476 12.31 -28.40 -26.65
C ILE B 476 11.26 -28.86 -27.66
N ARG B 477 10.15 -28.13 -27.73
CA ARG B 477 9.06 -28.46 -28.65
C ARG B 477 9.57 -28.48 -30.10
N PRO B 478 9.40 -29.60 -30.81
CA PRO B 478 9.73 -29.57 -32.26
C PRO B 478 8.84 -28.60 -33.03
N HIS B 479 9.37 -27.96 -34.06
CA HIS B 479 8.58 -27.22 -35.06
C HIS B 479 7.36 -28.11 -35.41
N HIS B 480 6.29 -28.06 -34.60
CA HIS B 480 5.22 -29.08 -34.68
C HIS B 480 4.06 -28.62 -35.55
CHA HEM C . -11.84 27.53 3.92
CHB HEM C . -8.05 25.27 1.86
CHC HEM C . -10.14 21.03 2.86
CHD HEM C . -13.55 23.24 5.51
C1A HEM C . -10.66 27.30 3.24
C2A HEM C . -9.78 28.31 2.66
C3A HEM C . -8.74 27.69 2.09
C4A HEM C . -8.91 26.26 2.29
CMA HEM C . -7.55 28.32 1.33
CAA HEM C . -10.04 29.83 2.71
CBA HEM C . -11.26 30.18 1.87
CGA HEM C . -10.80 30.91 0.64
O1A HEM C . -11.30 32.05 0.41
O2A HEM C . -9.94 30.36 -0.10
C1B HEM C . -8.27 23.91 1.94
C2B HEM C . -7.39 22.85 1.47
C3B HEM C . -7.99 21.67 1.74
C4B HEM C . -9.24 21.97 2.41
CMB HEM C . -6.04 23.12 0.79
CAB HEM C . -7.52 20.22 1.46
CBB HEM C . -6.29 19.88 1.10
C1C HEM C . -11.20 21.24 3.72
C2C HEM C . -11.97 20.23 4.44
C3C HEM C . -12.90 20.86 5.17
C4C HEM C . -12.77 22.27 4.94
CMC HEM C . -11.71 18.71 4.37
CAC HEM C . -13.97 20.28 6.13
CBC HEM C . -14.53 19.08 5.96
C1D HEM C . -13.51 24.58 5.23
C2D HEM C . -14.59 25.51 5.44
C3D HEM C . -14.07 26.88 4.94
C4D HEM C . -12.72 26.61 4.47
CMD HEM C . -15.96 25.13 6.06
CAD HEM C . -14.78 28.25 4.91
CBD HEM C . -15.93 28.45 5.90
CGD HEM C . -17.28 28.71 5.26
O1D HEM C . -18.27 28.05 5.69
O2D HEM C . -17.42 29.58 4.35
NA HEM C . -10.09 26.07 2.98
NB HEM C . -9.39 23.33 2.50
NC HEM C . -11.73 22.48 4.04
ND HEM C . -12.43 25.25 4.66
FE HEM C . -10.83 24.30 3.60
NA NA D . 39.49 -17.22 6.63
CHA HEM E . 9.00 -16.89 5.42
CHB HEM E . 6.96 -20.43 2.84
CHC HEM E . 9.23 -18.96 -1.21
CHD HEM E . 10.96 -15.13 1.23
C1A HEM E . 8.29 -18.02 5.10
C2A HEM E . 7.54 -18.87 6.01
C3A HEM E . 6.99 -19.85 5.28
C4A HEM E . 7.36 -19.66 3.89
CMA HEM E . 6.10 -21.01 5.77
CAA HEM E . 7.43 -18.69 7.54
CBA HEM E . 8.85 -18.73 8.15
CGA HEM E . 8.88 -18.99 9.63
O1A HEM E . 7.83 -18.85 10.32
O2A HEM E . 9.99 -19.34 10.15
C1B HEM E . 7.37 -20.31 1.53
C2B HEM E . 6.90 -21.14 0.44
C3B HEM E . 7.49 -20.77 -0.70
C4B HEM E . 8.40 -19.67 -0.37
CMB HEM E . 5.85 -22.26 0.57
CAB HEM E . 7.15 -21.51 -2.01
CBB HEM E . 7.68 -21.23 -3.18
C1C HEM E . 9.89 -17.78 -0.92
C2C HEM E . 10.67 -16.98 -1.85
C3C HEM E . 11.16 -15.92 -1.21
C4C HEM E . 10.72 -16.01 0.18
CMC HEM E . 10.89 -17.29 -3.35
CAC HEM E . 12.06 -14.88 -1.94
CBC HEM E . 12.12 -13.58 -1.63
C1D HEM E . 10.63 -15.26 2.58
C2D HEM E . 11.07 -14.37 3.63
C3D HEM E . 10.46 -14.90 4.94
C4D HEM E . 9.70 -16.07 4.55
CMD HEM E . 11.98 -13.14 3.48
CAD HEM E . 10.61 -14.36 6.38
CBD HEM E . 12.10 -14.23 6.77
CGD HEM E . 12.81 -15.56 6.84
O1D HEM E . 12.95 -16.26 5.79
O2D HEM E . 13.27 -15.93 7.96
NA HEM E . 8.16 -18.53 3.83
NB HEM E . 8.29 -19.42 1.00
NC HEM E . 9.94 -17.15 0.30
ND HEM E . 9.83 -16.24 3.16
FE HEM E . 8.96 -17.78 2.10
#